data_3L8H
#
_entry.id   3L8H
#
_cell.length_a   38.072
_cell.length_b   58.389
_cell.length_c   85.724
_cell.angle_alpha   90.48
_cell.angle_beta   97.54
_cell.angle_gamma   92.02
#
_symmetry.space_group_name_H-M   'P 1'
#
loop_
_entity.id
_entity.type
_entity.pdbx_description
1 polymer 'Putative haloacid dehalogenase-like hydrolase'
2 non-polymer 'MAGNESIUM ION'
3 non-polymer 'ZINC ION'
4 non-polymer 'PHOSPHATE ION'
5 non-polymer 'FORMIC ACID'
6 non-polymer beta-D-threo-hexo-2,4-diulo-2,5-furanose
7 non-polymer SARCOSINE
8 water water
#
_entity_poly.entity_id   1
_entity_poly.type   'polypeptide(L)'
_entity_poly.pdbx_seq_one_letter_code
;(MSE)KLIILDRDGVVNQDSDAFVKSPDEWIALPGSLQAIARLTQADWTVVLATNQSGLARGLFDTATLNAIHDK(MSE)
HRALAQ(MSE)GGVVDAIF(MSE)CPHGPDDGCACRKPLPG(MSE)YRDIARRYDVDLAGVPAVGDSLRDLQAAAQAGCA
PWLVQTGNGRKTLAQGGLPEGTRVCEDLAAVAEQLLQEA
;
_entity_poly.pdbx_strand_id   A,B,C,D
#
loop_
_chem_comp.id
_chem_comp.type
_chem_comp.name
_chem_comp.formula
FMT non-polymer 'FORMIC ACID' 'C H2 O2'
FX1 D-saccharide, beta linking beta-D-threo-hexo-2,4-diulo-2,5-furanose 'C6 H10 O6'
MG non-polymer 'MAGNESIUM ION' 'Mg 2'
PO4 non-polymer 'PHOSPHATE ION' 'O4 P -3'
ZN non-polymer 'ZINC ION' 'Zn 2'
#
# COMPACT_ATOMS: atom_id res chain seq x y z
N MSE A 1 12.65 -16.04 -9.30
CA MSE A 1 12.77 -14.63 -8.96
C MSE A 1 14.07 -14.41 -8.18
O MSE A 1 14.67 -15.36 -7.67
CB MSE A 1 11.56 -14.15 -8.15
CG MSE A 1 11.69 -14.32 -6.65
SE MSE A 1 10.17 -13.55 -5.67
CE MSE A 1 10.42 -11.71 -6.14
N LYS A 2 14.51 -13.16 -8.11
CA LYS A 2 15.68 -12.80 -7.33
C LYS A 2 15.28 -11.66 -6.42
N LEU A 3 15.05 -11.98 -5.16
CA LEU A 3 14.50 -11.00 -4.24
C LEU A 3 15.64 -10.35 -3.45
N ILE A 4 15.53 -9.05 -3.22
CA ILE A 4 16.40 -8.37 -2.26
C ILE A 4 15.57 -7.47 -1.37
N ILE A 5 15.84 -7.49 -0.08
CA ILE A 5 15.10 -6.68 0.88
C ILE A 5 16.02 -5.59 1.42
N LEU A 6 15.55 -4.36 1.40
CA LEU A 6 16.34 -3.22 1.86
C LEU A 6 15.64 -2.49 2.98
N ASP A 7 16.42 -2.10 3.98
CA ASP A 7 15.96 -1.09 4.91
C ASP A 7 15.95 0.24 4.17
N ARG A 8 15.24 1.24 4.69
CA ARG A 8 15.16 2.53 4.01
C ARG A 8 16.12 3.59 4.58
N ASP A 9 15.81 4.13 5.77
CA ASP A 9 16.67 5.16 6.37
C ASP A 9 18.08 4.59 6.63
N GLY A 10 19.11 5.29 6.17
CA GLY A 10 20.48 4.84 6.39
C GLY A 10 21.02 3.89 5.33
N VAL A 11 20.17 3.47 4.38
CA VAL A 11 20.56 2.56 3.32
C VAL A 11 20.21 3.22 1.97
N VAL A 12 18.92 3.53 1.78
CA VAL A 12 18.48 4.22 0.56
C VAL A 12 18.67 5.73 0.70
N ASN A 13 18.19 6.29 1.80
CA ASN A 13 18.26 7.72 2.04
C ASN A 13 18.97 8.02 3.34
N GLN A 14 19.38 9.27 3.52
CA GLN A 14 20.12 9.66 4.69
C GLN A 14 19.28 9.49 5.94
N ASP A 15 19.84 8.90 6.99
CA ASP A 15 19.14 8.87 8.26
C ASP A 15 19.09 10.28 8.86
N SER A 16 18.14 10.53 9.75
CA SER A 16 18.08 11.82 10.43
C SER A 16 17.86 11.62 11.90
N ASP A 17 18.62 12.34 12.71
CA ASP A 17 18.40 12.32 14.16
C ASP A 17 16.99 12.80 14.52
N ALA A 18 16.40 13.65 13.68
CA ALA A 18 15.11 14.27 13.92
C ALA A 18 13.92 13.56 13.25
N PHE A 19 14.17 12.35 12.74
CA PHE A 19 13.25 11.61 11.85
C PHE A 19 13.15 12.25 10.47
N VAL A 20 12.83 11.44 9.47
CA VAL A 20 12.56 11.95 8.11
C VAL A 20 11.07 12.24 7.99
N LYS A 21 10.69 13.53 7.99
CA LYS A 21 9.30 13.90 8.25
C LYS A 21 8.60 14.59 7.08
N SER A 22 9.31 14.71 5.96
CA SER A 22 8.75 15.36 4.77
C SER A 22 9.60 15.04 3.55
N PRO A 23 9.05 15.22 2.33
CA PRO A 23 9.86 14.98 1.14
C PRO A 23 11.19 15.73 1.15
N ASP A 24 11.22 17.00 1.57
CA ASP A 24 12.47 17.73 1.63
C ASP A 24 13.51 17.11 2.58
N GLU A 25 13.04 16.40 3.60
CA GLU A 25 13.97 15.74 4.51
C GLU A 25 14.43 14.38 4.01
N TRP A 26 13.87 13.93 2.88
CA TRP A 26 14.23 12.65 2.31
C TRP A 26 15.30 12.91 1.26
N ILE A 27 16.53 12.48 1.54
CA ILE A 27 17.64 12.76 0.65
C ILE A 27 18.33 11.44 0.34
N ALA A 28 18.34 11.06 -0.94
CA ALA A 28 19.01 9.82 -1.34
C ALA A 28 20.49 9.85 -0.97
N LEU A 29 20.99 8.71 -0.49
CA LEU A 29 22.42 8.54 -0.26
C LEU A 29 23.11 8.36 -1.63
N PRO A 30 24.36 8.82 -1.75
CA PRO A 30 25.07 8.74 -3.03
C PRO A 30 25.12 7.29 -3.50
N GLY A 31 24.68 7.04 -4.74
CA GLY A 31 24.77 5.71 -5.30
C GLY A 31 23.62 4.79 -5.01
N SER A 32 22.77 5.12 -4.02
CA SER A 32 21.75 4.15 -3.62
C SER A 32 20.65 3.95 -4.65
N LEU A 33 20.17 5.04 -5.26
CA LEU A 33 19.13 4.90 -6.28
C LEU A 33 19.68 4.19 -7.54
N GLN A 34 20.90 4.55 -7.93
CA GLN A 34 21.57 3.89 -9.04
C GLN A 34 21.75 2.40 -8.78
N ALA A 35 22.06 2.05 -7.53
CA ALA A 35 22.22 0.67 -7.12
C ALA A 35 20.92 -0.10 -7.34
N ILE A 36 19.80 0.50 -6.94
CA ILE A 36 18.50 -0.12 -7.12
C ILE A 36 18.20 -0.26 -8.62
N ALA A 37 18.57 0.76 -9.38
CA ALA A 37 18.40 0.69 -10.84
C ALA A 37 19.19 -0.48 -11.45
N ARG A 38 20.44 -0.67 -11.02
CA ARG A 38 21.21 -1.81 -11.50
C ARG A 38 20.52 -3.12 -11.20
N LEU A 39 20.01 -3.26 -9.98
CA LEU A 39 19.41 -4.51 -9.61
C LEU A 39 18.12 -4.75 -10.41
N THR A 40 17.34 -3.69 -10.57
CA THR A 40 16.11 -3.74 -11.34
C THR A 40 16.41 -4.21 -12.76
N GLN A 41 17.42 -3.60 -13.38
CA GLN A 41 17.77 -3.98 -14.75
C GLN A 41 18.36 -5.38 -14.87
N ALA A 42 18.86 -5.93 -13.76
CA ALA A 42 19.36 -7.31 -13.71
C ALA A 42 18.28 -8.30 -13.26
N ASP A 43 17.03 -7.83 -13.27
CA ASP A 43 15.86 -8.65 -13.01
C ASP A 43 15.66 -9.02 -11.54
N TRP A 44 16.12 -8.16 -10.65
CA TRP A 44 15.87 -8.35 -9.23
C TRP A 44 14.57 -7.67 -8.82
N THR A 45 13.87 -8.27 -7.87
CA THR A 45 12.69 -7.64 -7.27
C THR A 45 13.18 -6.98 -5.97
N VAL A 46 13.04 -5.66 -5.89
CA VAL A 46 13.58 -4.91 -4.75
C VAL A 46 12.43 -4.49 -3.83
N VAL A 47 12.49 -4.88 -2.56
CA VAL A 47 11.40 -4.59 -1.64
C VAL A 47 11.96 -3.87 -0.41
N LEU A 48 11.26 -2.88 0.12
CA LEU A 48 11.73 -2.22 1.34
C LEU A 48 11.07 -2.84 2.57
N ALA A 49 11.79 -2.84 3.68
CA ALA A 49 11.22 -3.21 4.98
C ALA A 49 11.74 -2.16 5.92
N THR A 50 10.85 -1.28 6.36
CA THR A 50 11.29 -0.09 7.10
C THR A 50 10.48 0.17 8.39
N ASN A 51 11.19 0.47 9.48
CA ASN A 51 10.53 0.98 10.69
C ASN A 51 10.19 2.45 10.48
N GLN A 52 8.92 2.82 10.66
CA GLN A 52 8.46 4.21 10.47
C GLN A 52 7.67 4.70 11.69
N SER A 53 8.36 4.75 12.84
CA SER A 53 7.70 5.11 14.09
C SER A 53 7.22 6.56 14.11
N GLY A 54 7.67 7.37 13.15
CA GLY A 54 7.15 8.71 13.01
C GLY A 54 5.64 8.79 12.89
N LEU A 55 5.02 7.74 12.33
CA LEU A 55 3.56 7.70 12.26
C LEU A 55 2.94 7.57 13.66
N ALA A 56 3.38 6.59 14.43
CA ALA A 56 2.86 6.40 15.79
C ALA A 56 3.11 7.63 16.66
N ARG A 57 4.22 8.32 16.39
CA ARG A 57 4.62 9.48 17.22
C ARG A 57 3.91 10.75 16.78
N GLY A 58 3.13 10.66 15.72
CA GLY A 58 2.37 11.78 15.19
C GLY A 58 3.20 12.87 14.53
N LEU A 59 4.38 12.51 14.04
CA LEU A 59 5.28 13.50 13.45
C LEU A 59 4.85 13.88 12.04
N PHE A 60 4.14 12.98 11.38
CA PHE A 60 3.66 13.20 10.03
C PHE A 60 2.56 12.16 9.77
N ASP A 61 1.76 12.39 8.74
CA ASP A 61 0.64 11.51 8.47
C ASP A 61 0.92 10.65 7.25
N THR A 62 0.01 9.75 6.93
CA THR A 62 0.24 8.81 5.84
C THR A 62 0.33 9.53 4.49
N ALA A 63 -0.42 10.61 4.30
CA ALA A 63 -0.32 11.42 3.08
C ALA A 63 1.12 11.89 2.85
N THR A 64 1.75 12.38 3.90
CA THR A 64 3.11 12.87 3.81
C THR A 64 4.11 11.74 3.54
N LEU A 65 3.93 10.61 4.22
CA LEU A 65 4.77 9.45 3.99
C LEU A 65 4.61 8.99 2.54
N ASN A 66 3.38 8.97 2.04
CA ASN A 66 3.16 8.58 0.65
C ASN A 66 3.83 9.55 -0.32
N ALA A 67 3.89 10.82 0.03
CA ALA A 67 4.57 11.84 -0.76
C ALA A 67 6.08 11.62 -0.77
N ILE A 68 6.63 11.24 0.38
CA ILE A 68 8.04 10.89 0.47
C ILE A 68 8.35 9.74 -0.48
N HIS A 69 7.53 8.70 -0.44
CA HIS A 69 7.78 7.56 -1.30
C HIS A 69 7.51 7.87 -2.76
N ASP A 70 6.61 8.82 -3.01
CA ASP A 70 6.38 9.29 -4.40
C ASP A 70 7.65 9.94 -4.93
N LYS A 71 8.31 10.72 -4.08
CA LYS A 71 9.56 11.37 -4.45
C LYS A 71 10.63 10.32 -4.80
N MSE A 72 10.73 9.32 -3.94
CA MSE A 72 11.67 8.24 -4.18
C MSE A 72 11.36 7.53 -5.50
O MSE A 72 12.24 7.29 -6.34
CB MSE A 72 11.65 7.24 -3.02
CG MSE A 72 12.57 6.04 -3.27
SE MSE A 72 12.36 4.77 -1.76
CE MSE A 72 10.64 4.03 -2.31
N HIS A 73 10.07 7.21 -5.69
CA HIS A 73 9.65 6.45 -6.85
C HIS A 73 10.01 7.20 -8.13
N ARG A 74 9.74 8.50 -8.16
CA ARG A 74 10.01 9.31 -9.37
C ARG A 74 11.52 9.36 -9.66
N ALA A 75 12.32 9.61 -8.62
CA ALA A 75 13.78 9.66 -8.80
C ALA A 75 14.32 8.34 -9.35
N LEU A 76 13.84 7.22 -8.80
CA LEU A 76 14.24 5.90 -9.26
C LEU A 76 13.82 5.63 -10.71
N ALA A 77 12.59 6.01 -11.03
CA ALA A 77 12.00 5.71 -12.34
C ALA A 77 12.88 6.31 -13.43
N GLN A 78 13.32 7.54 -13.24
CA GLN A 78 14.12 8.18 -14.28
C GLN A 78 15.44 7.45 -14.53
N MSE A 79 15.89 6.70 -13.53
CA MSE A 79 17.12 5.91 -13.67
C MSE A 79 16.91 4.48 -14.10
O MSE A 79 17.88 3.73 -14.26
CB MSE A 79 17.81 5.84 -12.33
CG MSE A 79 18.13 7.14 -11.78
SE MSE A 79 19.04 6.69 -10.14
CE MSE A 79 19.14 8.51 -9.53
N GLY A 80 15.66 4.10 -14.25
CA GLY A 80 15.32 2.74 -14.62
C GLY A 80 15.30 1.78 -13.45
N GLY A 81 15.04 2.33 -12.26
CA GLY A 81 14.94 1.50 -11.08
C GLY A 81 13.51 1.45 -10.55
N VAL A 82 13.18 0.35 -9.87
CA VAL A 82 11.86 0.20 -9.28
C VAL A 82 11.96 -0.50 -7.92
N VAL A 83 11.31 0.08 -6.94
CA VAL A 83 11.02 -0.63 -5.68
C VAL A 83 9.64 -1.25 -5.84
N ASP A 84 9.56 -2.57 -5.78
CA ASP A 84 8.32 -3.29 -6.09
C ASP A 84 7.26 -3.14 -5.00
N ALA A 85 7.69 -2.99 -3.75
CA ALA A 85 6.76 -2.86 -2.63
C ALA A 85 7.47 -2.29 -1.43
N ILE A 86 6.70 -1.65 -0.55
CA ILE A 86 7.24 -1.13 0.69
C ILE A 86 6.48 -1.75 1.85
N PHE A 87 7.19 -2.55 2.63
CA PHE A 87 6.65 -3.06 3.88
C PHE A 87 7.10 -2.12 4.97
N MSE A 88 6.17 -1.75 5.85
CA MSE A 88 6.52 -0.72 6.84
C MSE A 88 5.82 -0.96 8.14
O MSE A 88 4.68 -1.43 8.16
CB MSE A 88 6.22 0.69 6.33
CG MSE A 88 4.89 0.87 5.65
SE MSE A 88 4.17 2.56 6.28
CE MSE A 88 4.54 2.18 8.09
N CYS A 89 6.51 -0.62 9.21
CA CYS A 89 5.98 -0.71 10.57
C CYS A 89 5.72 0.71 11.05
N PRO A 90 4.44 1.03 11.36
CA PRO A 90 4.09 2.40 11.72
C PRO A 90 4.14 2.59 13.24
N HIS A 91 4.61 1.58 13.95
CA HIS A 91 4.48 1.56 15.42
C HIS A 91 5.68 2.13 16.14
N GLY A 92 5.48 2.52 17.39
CA GLY A 92 6.60 2.93 18.21
C GLY A 92 7.25 1.78 18.96
N PRO A 93 8.36 2.06 19.66
CA PRO A 93 9.17 1.05 20.34
C PRO A 93 8.40 0.20 21.35
N ASP A 94 7.40 0.76 22.00
CA ASP A 94 6.73 0.00 23.05
C ASP A 94 5.29 -0.35 22.70
N ASP A 95 4.99 -0.33 21.41
CA ASP A 95 3.63 -0.54 20.94
C ASP A 95 3.22 -2.00 20.74
N GLY A 96 4.12 -2.93 21.02
CA GLY A 96 3.76 -4.34 21.08
C GLY A 96 3.35 -5.00 19.77
N CYS A 97 3.81 -4.46 18.65
CA CYS A 97 3.43 -5.04 17.36
C CYS A 97 4.30 -6.24 16.97
N ALA A 98 3.95 -6.86 15.85
CA ALA A 98 4.72 -7.99 15.32
C ALA A 98 5.78 -7.51 14.33
N CYS A 99 5.66 -6.26 13.88
CA CYS A 99 6.39 -5.87 12.68
C CYS A 99 7.61 -4.98 12.95
N ARG A 100 7.76 -4.48 14.17
CA ARG A 100 8.90 -3.63 14.46
C ARG A 100 10.22 -4.39 14.57
N LYS A 101 11.16 -4.13 13.68
CA LYS A 101 12.47 -4.75 13.81
C LYS A 101 13.02 -4.41 15.20
N PRO A 102 13.68 -5.37 15.87
CA PRO A 102 14.21 -6.65 15.36
C PRO A 102 13.25 -7.83 15.23
N LEU A 103 11.95 -7.67 15.49
CA LEU A 103 11.04 -8.77 15.22
C LEU A 103 11.00 -9.02 13.71
N PRO A 104 10.79 -10.27 13.31
CA PRO A 104 10.86 -10.65 11.89
C PRO A 104 9.55 -10.47 11.11
N GLY A 105 8.53 -9.88 11.72
CA GLY A 105 7.20 -9.80 11.12
C GLY A 105 7.17 -9.39 9.65
N MSE A 106 7.86 -8.30 9.34
CA MSE A 106 7.81 -7.77 7.96
C MSE A 106 8.45 -8.71 6.99
O MSE A 106 7.98 -8.84 5.84
CB MSE A 106 8.49 -6.40 7.88
CG MSE A 106 7.67 -5.29 8.49
SE MSE A 106 8.39 -3.53 8.07
CE MSE A 106 9.87 -3.51 9.39
N TYR A 107 9.53 -9.35 7.43
CA TYR A 107 10.24 -10.28 6.56
C TYR A 107 9.35 -11.49 6.28
N ARG A 108 8.66 -11.95 7.32
CA ARG A 108 7.65 -13.00 7.16
C ARG A 108 6.50 -12.61 6.22
N ASP A 109 6.04 -11.36 6.30
CA ASP A 109 5.00 -10.85 5.41
C ASP A 109 5.51 -10.85 3.96
N ILE A 110 6.77 -10.50 3.77
CA ILE A 110 7.36 -10.48 2.43
C ILE A 110 7.40 -11.88 1.84
N ALA A 111 7.81 -12.84 2.65
CA ALA A 111 7.88 -14.23 2.21
C ALA A 111 6.49 -14.70 1.77
N ARG A 112 5.48 -14.35 2.54
CA ARG A 112 4.09 -14.68 2.21
C ARG A 112 3.61 -14.00 0.92
N ARG A 113 3.93 -12.72 0.77
CA ARG A 113 3.54 -11.96 -0.42
C ARG A 113 4.01 -12.62 -1.71
N TYR A 114 5.26 -13.09 -1.71
CA TYR A 114 5.87 -13.62 -2.93
C TYR A 114 5.89 -15.14 -2.93
N ASP A 115 5.36 -15.73 -1.86
CA ASP A 115 5.36 -17.17 -1.71
C ASP A 115 6.74 -17.78 -1.92
N VAL A 116 7.72 -17.31 -1.14
CA VAL A 116 9.09 -17.79 -1.28
C VAL A 116 9.73 -18.12 0.06
N ASP A 117 10.76 -18.96 -0.01
CA ASP A 117 11.66 -19.26 1.10
C ASP A 117 12.69 -18.14 1.09
N LEU A 118 13.04 -17.61 2.26
CA LEU A 118 13.95 -16.48 2.34
C LEU A 118 15.43 -16.88 2.39
N ALA A 119 15.71 -18.18 2.34
CA ALA A 119 17.09 -18.65 2.37
C ALA A 119 17.91 -18.00 1.27
N GLY A 120 19.01 -17.37 1.63
CA GLY A 120 19.92 -16.78 0.65
C GLY A 120 19.47 -15.44 0.09
N VAL A 121 18.32 -14.95 0.55
CA VAL A 121 17.84 -13.65 0.10
C VAL A 121 18.63 -12.55 0.79
N PRO A 122 19.30 -11.68 0.02
CA PRO A 122 20.08 -10.63 0.71
C PRO A 122 19.16 -9.61 1.35
N ALA A 123 19.47 -9.23 2.59
CA ALA A 123 18.69 -8.22 3.30
C ALA A 123 19.66 -7.19 3.81
N VAL A 124 19.55 -5.97 3.31
CA VAL A 124 20.53 -4.93 3.58
C VAL A 124 20.04 -3.96 4.63
N GLY A 125 20.84 -3.72 5.66
CA GLY A 125 20.46 -2.80 6.71
C GLY A 125 21.63 -2.00 7.24
N ASP A 126 21.34 -0.94 8.01
CA ASP A 126 22.39 -0.15 8.62
C ASP A 126 22.40 -0.26 10.14
N SER A 127 21.41 -0.95 10.69
CA SER A 127 21.26 -1.09 12.14
C SER A 127 21.26 -2.54 12.59
N LEU A 128 21.71 -2.79 13.81
CA LEU A 128 21.71 -4.16 14.28
C LEU A 128 20.31 -4.80 14.17
N ARG A 129 19.26 -4.04 14.48
CA ARG A 129 17.91 -4.61 14.45
C ARG A 129 17.52 -5.07 13.04
N ASP A 130 18.07 -4.43 12.01
CA ASP A 130 17.81 -4.84 10.64
C ASP A 130 18.40 -6.22 10.42
N LEU A 131 19.64 -6.40 10.88
CA LEU A 131 20.34 -7.66 10.62
C LEU A 131 19.66 -8.79 11.37
N GLN A 132 19.23 -8.49 12.60
CA GLN A 132 18.59 -9.51 13.45
C GLN A 132 17.24 -9.94 12.91
N ALA A 133 16.42 -8.97 12.51
CA ALA A 133 15.12 -9.28 11.93
C ALA A 133 15.31 -10.17 10.71
N ALA A 134 16.23 -9.77 9.83
CA ALA A 134 16.44 -10.50 8.58
C ALA A 134 16.95 -11.89 8.85
N ALA A 135 17.92 -12.00 9.75
CA ALA A 135 18.54 -13.30 10.03
C ALA A 135 17.52 -14.28 10.66
N GLN A 136 16.70 -13.75 11.55
CA GLN A 136 15.69 -14.57 12.20
C GLN A 136 14.73 -15.13 11.17
N ALA A 137 14.48 -14.34 10.12
CA ALA A 137 13.53 -14.71 9.08
C ALA A 137 14.13 -15.66 8.06
N GLY A 138 15.44 -15.79 8.06
CA GLY A 138 16.12 -16.73 7.18
C GLY A 138 16.98 -16.09 6.10
N CYS A 139 17.02 -14.76 6.08
CA CYS A 139 17.78 -14.03 5.06
C CYS A 139 19.31 -14.07 5.28
N ALA A 140 20.05 -13.59 4.28
CA ALA A 140 21.48 -13.38 4.39
C ALA A 140 21.71 -11.91 4.65
N PRO A 141 22.14 -11.56 5.87
CA PRO A 141 22.22 -10.13 6.20
C PRO A 141 23.43 -9.45 5.56
N TRP A 142 23.23 -8.21 5.11
CA TRP A 142 24.31 -7.37 4.66
C TRP A 142 24.24 -6.06 5.43
N LEU A 143 25.39 -5.60 5.92
CA LEU A 143 25.44 -4.37 6.69
C LEU A 143 26.16 -3.29 5.89
N VAL A 144 25.52 -2.14 5.68
CA VAL A 144 26.20 -1.00 5.07
C VAL A 144 26.81 -0.12 6.15
N GLN A 145 27.74 0.76 5.75
CA GLN A 145 28.43 1.63 6.68
C GLN A 145 27.88 3.05 6.73
N THR A 146 26.94 3.36 5.83
CA THR A 146 26.13 4.58 5.94
C THR A 146 25.17 4.49 7.13
N GLY A 147 24.51 5.60 7.47
CA GLY A 147 23.56 5.56 8.56
C GLY A 147 24.20 5.12 9.86
N ASN A 148 23.56 4.17 10.54
CA ASN A 148 24.06 3.65 11.80
C ASN A 148 25.12 2.55 11.61
N GLY A 149 25.56 2.34 10.36
CA GLY A 149 26.33 1.13 10.07
C GLY A 149 27.71 1.07 10.73
N ARG A 150 28.38 2.20 10.83
CA ARG A 150 29.70 2.19 11.46
C ARG A 150 29.58 1.83 12.94
N LYS A 151 28.56 2.38 13.60
CA LYS A 151 28.27 2.06 15.01
C LYS A 151 27.89 0.59 15.16
N THR A 152 27.02 0.12 14.28
CA THR A 152 26.62 -1.28 14.31
C THR A 152 27.85 -2.19 14.17
N LEU A 153 28.72 -1.87 13.22
CA LEU A 153 29.88 -2.70 12.99
C LEU A 153 30.79 -2.68 14.22
N ALA A 154 31.00 -1.49 14.77
CA ALA A 154 31.90 -1.34 15.90
C ALA A 154 31.40 -2.09 17.13
N GLN A 155 30.08 -2.13 17.30
CA GLN A 155 29.51 -2.78 18.48
C GLN A 155 29.46 -4.32 18.38
N GLY A 156 29.58 -4.85 17.16
CA GLY A 156 29.64 -6.29 16.95
C GLY A 156 28.34 -6.99 17.33
N GLY A 157 28.41 -8.30 17.54
CA GLY A 157 27.20 -9.04 17.87
C GLY A 157 26.36 -9.26 16.63
N LEU A 158 26.98 -9.12 15.46
CA LEU A 158 26.25 -9.27 14.19
C LEU A 158 25.93 -10.75 13.98
N PRO A 159 24.84 -11.03 13.26
CA PRO A 159 24.54 -12.42 12.87
C PRO A 159 25.74 -13.07 12.17
N GLU A 160 25.98 -14.36 12.42
CA GLU A 160 27.15 -15.00 11.84
C GLU A 160 27.09 -14.89 10.31
N GLY A 161 28.19 -14.52 9.69
CA GLY A 161 28.23 -14.48 8.25
C GLY A 161 27.71 -13.19 7.62
N THR A 162 27.35 -12.21 8.45
CA THR A 162 26.95 -10.90 7.92
C THR A 162 28.03 -10.33 7.02
N ARG A 163 27.65 -9.87 5.84
CA ARG A 163 28.64 -9.26 4.93
C ARG A 163 28.62 -7.74 5.11
N VAL A 164 29.79 -7.10 5.07
CA VAL A 164 29.89 -5.66 5.33
C VAL A 164 30.34 -4.89 4.08
N CYS A 165 29.61 -3.83 3.73
CA CYS A 165 29.92 -3.00 2.56
C CYS A 165 29.84 -1.55 2.94
N GLU A 166 30.48 -0.67 2.18
CA GLU A 166 30.44 0.75 2.53
C GLU A 166 29.05 1.37 2.35
N ASP A 167 28.34 0.95 1.30
CA ASP A 167 27.02 1.49 1.04
C ASP A 167 26.25 0.58 0.09
N LEU A 168 25.01 0.94 -0.20
CA LEU A 168 24.14 0.10 -1.00
C LEU A 168 24.72 -0.07 -2.40
N ALA A 169 25.32 0.99 -2.94
CA ALA A 169 26.00 0.87 -4.23
C ALA A 169 27.06 -0.25 -4.25
N ALA A 170 27.84 -0.33 -3.17
CA ALA A 170 28.84 -1.38 -3.04
C ALA A 170 28.22 -2.79 -2.93
N VAL A 171 27.10 -2.89 -2.21
CA VAL A 171 26.37 -4.15 -2.13
C VAL A 171 25.92 -4.66 -3.53
N ALA A 172 25.25 -3.79 -4.28
CA ALA A 172 24.81 -4.15 -5.63
C ALA A 172 25.99 -4.58 -6.51
N GLU A 173 27.09 -3.83 -6.43
CA GLU A 173 28.29 -4.19 -7.19
C GLU A 173 28.77 -5.58 -6.80
N GLN A 174 28.75 -5.90 -5.51
CA GLN A 174 29.19 -7.21 -5.07
C GLN A 174 28.25 -8.33 -5.55
N LEU A 175 26.94 -8.11 -5.42
CA LEU A 175 25.97 -9.09 -5.90
C LEU A 175 26.11 -9.35 -7.39
N LEU A 176 26.34 -8.30 -8.15
CA LEU A 176 26.40 -8.43 -9.60
C LEU A 176 27.75 -9.00 -10.08
N GLN A 177 28.80 -8.76 -9.32
CA GLN A 177 30.12 -9.38 -9.58
C GLN A 177 30.05 -10.87 -9.38
N GLU A 178 29.31 -11.28 -8.35
CA GLU A 178 29.24 -12.67 -7.93
C GLU A 178 28.11 -13.43 -8.60
N ALA A 179 27.36 -12.75 -9.47
CA ALA A 179 26.25 -13.37 -10.16
C ALA A 179 26.74 -14.56 -10.96
N MSE B 1 -15.88 11.13 13.24
CA MSE B 1 -15.30 10.87 11.92
C MSE B 1 -16.37 11.03 10.84
O MSE B 1 -17.56 10.93 11.14
CB MSE B 1 -14.67 9.47 11.86
CG MSE B 1 -15.65 8.31 11.76
SE MSE B 1 -14.79 6.63 11.22
CE MSE B 1 -13.68 7.34 9.86
N LYS B 2 -15.93 11.27 9.62
CA LYS B 2 -16.83 11.31 8.48
C LYS B 2 -16.30 10.29 7.48
N LEU B 3 -17.00 9.16 7.37
CA LEU B 3 -16.56 8.04 6.53
C LEU B 3 -17.23 8.08 5.17
N ILE B 4 -16.45 7.82 4.14
CA ILE B 4 -17.02 7.55 2.81
C ILE B 4 -16.39 6.27 2.26
N ILE B 5 -17.22 5.42 1.67
CA ILE B 5 -16.76 4.16 1.09
C ILE B 5 -16.88 4.22 -0.42
N LEU B 6 -15.78 3.91 -1.13
CA LEU B 6 -15.79 3.95 -2.58
C LEU B 6 -15.53 2.59 -3.18
N ASP B 7 -16.32 2.25 -4.19
CA ASP B 7 -15.91 1.20 -5.09
C ASP B 7 -14.71 1.72 -5.89
N ARG B 8 -13.91 0.83 -6.48
CA ARG B 8 -12.70 1.26 -7.17
C ARG B 8 -12.92 1.37 -8.69
N ASP B 9 -12.98 0.24 -9.39
CA ASP B 9 -13.19 0.27 -10.84
C ASP B 9 -14.49 0.97 -11.21
N GLY B 10 -14.43 1.91 -12.13
CA GLY B 10 -15.61 2.62 -12.58
C GLY B 10 -15.99 3.82 -11.72
N VAL B 11 -15.28 4.01 -10.62
CA VAL B 11 -15.54 5.13 -9.71
C VAL B 11 -14.25 5.96 -9.55
N VAL B 12 -13.18 5.31 -9.11
CA VAL B 12 -11.88 5.97 -8.96
C VAL B 12 -11.11 5.90 -10.26
N ASN B 13 -11.05 4.69 -10.85
CA ASN B 13 -10.33 4.48 -12.10
C ASN B 13 -11.24 3.90 -13.19
N GLN B 14 -10.77 3.92 -14.43
CA GLN B 14 -11.56 3.37 -15.52
C GLN B 14 -11.83 1.89 -15.35
N ASP B 15 -13.07 1.50 -15.57
CA ASP B 15 -13.40 0.08 -15.62
C ASP B 15 -12.80 -0.50 -16.90
N SER B 16 -12.63 -1.81 -16.94
CA SER B 16 -12.12 -2.43 -18.15
C SER B 16 -12.86 -3.72 -18.40
N ASP B 17 -13.31 -3.92 -19.63
CA ASP B 17 -13.94 -5.18 -20.00
C ASP B 17 -12.97 -6.35 -19.81
N ALA B 18 -11.68 -6.07 -19.85
CA ALA B 18 -10.67 -7.11 -19.79
C ALA B 18 -10.02 -7.28 -18.41
N PHE B 19 -10.62 -6.66 -17.41
CA PHE B 19 -10.08 -6.52 -16.04
C PHE B 19 -8.89 -5.54 -16.02
N VAL B 20 -8.65 -4.95 -14.85
CA VAL B 20 -7.46 -4.12 -14.65
C VAL B 20 -6.37 -5.01 -14.06
N LYS B 21 -5.37 -5.35 -14.86
CA LYS B 21 -4.47 -6.46 -14.52
C LYS B 21 -3.05 -6.01 -14.25
N SER B 22 -2.80 -4.72 -14.32
CA SER B 22 -1.46 -4.18 -14.09
C SER B 22 -1.57 -2.68 -13.84
N PRO B 23 -0.52 -2.09 -13.24
CA PRO B 23 -0.55 -0.64 -13.08
C PRO B 23 -0.79 0.12 -14.39
N ASP B 24 -0.20 -0.32 -15.49
CA ASP B 24 -0.46 0.40 -16.75
C ASP B 24 -1.93 0.41 -17.15
N GLU B 25 -2.70 -0.60 -16.72
CA GLU B 25 -4.13 -0.66 -17.03
C GLU B 25 -4.97 0.11 -16.03
N TRP B 26 -4.35 0.61 -14.96
CA TRP B 26 -5.04 1.45 -13.98
C TRP B 26 -4.91 2.91 -14.40
N ILE B 27 -6.04 3.51 -14.75
CA ILE B 27 -6.07 4.88 -15.23
C ILE B 27 -7.16 5.64 -14.48
N ALA B 28 -6.77 6.73 -13.82
CA ALA B 28 -7.73 7.51 -13.04
C ALA B 28 -8.82 8.13 -13.92
N LEU B 29 -10.06 8.14 -13.43
CA LEU B 29 -11.14 8.86 -14.11
C LEU B 29 -10.96 10.37 -13.87
N PRO B 30 -11.35 11.19 -14.85
CA PRO B 30 -11.25 12.66 -14.68
C PRO B 30 -11.90 13.13 -13.39
N GLY B 31 -11.12 13.87 -12.60
CA GLY B 31 -11.61 14.44 -11.36
C GLY B 31 -11.68 13.53 -10.16
N SER B 32 -11.45 12.22 -10.33
CA SER B 32 -11.60 11.31 -9.18
C SER B 32 -10.52 11.49 -8.12
N LEU B 33 -9.27 11.62 -8.55
CA LEU B 33 -8.19 11.73 -7.58
C LEU B 33 -8.32 13.06 -6.86
N GLN B 34 -8.71 14.10 -7.59
CA GLN B 34 -8.90 15.40 -6.93
C GLN B 34 -10.06 15.36 -5.95
N ALA B 35 -11.10 14.60 -6.28
CA ALA B 35 -12.25 14.46 -5.39
C ALA B 35 -11.82 13.83 -4.05
N ILE B 36 -11.01 12.77 -4.13
CA ILE B 36 -10.53 12.12 -2.92
C ILE B 36 -9.68 13.12 -2.12
N ALA B 37 -8.86 13.90 -2.81
CA ALA B 37 -8.03 14.88 -2.14
C ALA B 37 -8.87 15.94 -1.42
N ARG B 38 -9.91 16.43 -2.08
CA ARG B 38 -10.82 17.39 -1.45
C ARG B 38 -11.45 16.81 -0.19
N LEU B 39 -11.93 15.58 -0.26
CA LEU B 39 -12.55 14.95 0.90
C LEU B 39 -11.54 14.75 2.03
N THR B 40 -10.31 14.35 1.67
CA THR B 40 -9.26 14.18 2.66
C THR B 40 -8.95 15.50 3.34
N GLN B 41 -8.88 16.58 2.57
CA GLN B 41 -8.58 17.91 3.10
C GLN B 41 -9.69 18.42 4.03
N ALA B 42 -10.91 17.91 3.82
CA ALA B 42 -12.07 18.28 4.64
C ALA B 42 -12.29 17.28 5.77
N ASP B 43 -11.25 16.49 6.05
CA ASP B 43 -11.24 15.53 7.16
C ASP B 43 -12.21 14.36 7.02
N TRP B 44 -12.46 13.94 5.79
CA TRP B 44 -13.14 12.66 5.56
C TRP B 44 -12.15 11.50 5.58
N THR B 45 -12.60 10.35 6.05
CA THR B 45 -11.85 9.12 5.97
C THR B 45 -12.38 8.36 4.75
N VAL B 46 -11.49 8.10 3.80
CA VAL B 46 -11.90 7.49 2.52
C VAL B 46 -11.42 6.04 2.46
N VAL B 47 -12.36 5.11 2.27
CA VAL B 47 -12.05 3.70 2.32
C VAL B 47 -12.55 3.06 1.03
N LEU B 48 -11.77 2.14 0.45
CA LEU B 48 -12.25 1.39 -0.72
C LEU B 48 -12.86 0.06 -0.33
N ALA B 49 -13.86 -0.37 -1.11
CA ALA B 49 -14.44 -1.70 -1.00
C ALA B 49 -14.54 -2.15 -2.45
N THR B 50 -13.75 -3.15 -2.82
CA THR B 50 -13.62 -3.52 -4.24
C THR B 50 -13.63 -5.03 -4.48
N ASN B 51 -14.44 -5.46 -5.44
CA ASN B 51 -14.37 -6.85 -5.94
C ASN B 51 -13.15 -7.01 -6.83
N GLN B 52 -12.27 -7.97 -6.51
CA GLN B 52 -11.06 -8.22 -7.31
C GLN B 52 -10.94 -9.70 -7.68
N SER B 53 -11.91 -10.20 -8.43
CA SER B 53 -11.90 -11.62 -8.80
C SER B 53 -10.73 -11.99 -9.71
N GLY B 54 -10.02 -10.99 -10.21
CA GLY B 54 -8.83 -11.22 -11.02
C GLY B 54 -7.83 -12.11 -10.28
N LEU B 55 -7.80 -11.99 -8.96
CA LEU B 55 -6.94 -12.85 -8.18
C LEU B 55 -7.34 -14.31 -8.28
N ALA B 56 -8.61 -14.60 -8.01
CA ALA B 56 -9.12 -15.97 -8.10
C ALA B 56 -8.95 -16.53 -9.51
N ARG B 57 -9.07 -15.67 -10.50
CA ARG B 57 -9.04 -16.10 -11.90
C ARG B 57 -7.60 -16.26 -12.41
N GLY B 58 -6.65 -15.90 -11.55
CA GLY B 58 -5.25 -16.04 -11.89
C GLY B 58 -4.79 -15.06 -12.96
N LEU B 59 -5.44 -13.91 -13.05
CA LEU B 59 -5.05 -12.90 -14.05
C LEU B 59 -3.84 -12.10 -13.58
N PHE B 60 -3.66 -12.03 -12.27
CA PHE B 60 -2.53 -11.30 -11.69
C PHE B 60 -2.37 -11.76 -10.26
N ASP B 61 -1.24 -11.45 -9.65
CA ASP B 61 -0.98 -11.91 -8.29
C ASP B 61 -1.10 -10.78 -7.28
N THR B 62 -0.92 -11.10 -6.00
CA THR B 62 -1.10 -10.09 -4.97
C THR B 62 -0.08 -8.96 -5.09
N ALA B 63 1.15 -9.27 -5.48
CA ALA B 63 2.14 -8.21 -5.66
C ALA B 63 1.70 -7.23 -6.74
N THR B 64 1.11 -7.75 -7.80
CA THR B 64 0.66 -6.87 -8.88
C THR B 64 -0.49 -5.99 -8.40
N LEU B 65 -1.43 -6.55 -7.64
CA LEU B 65 -2.53 -5.74 -7.12
C LEU B 65 -2.01 -4.67 -6.18
N ASN B 66 -1.03 -5.03 -5.35
CA ASN B 66 -0.37 -4.07 -4.49
C ASN B 66 0.26 -2.93 -5.28
N ALA B 67 0.90 -3.26 -6.40
CA ALA B 67 1.53 -2.27 -7.25
C ALA B 67 0.48 -1.35 -7.89
N ILE B 68 -0.66 -1.93 -8.26
CA ILE B 68 -1.76 -1.11 -8.78
C ILE B 68 -2.21 -0.10 -7.72
N HIS B 69 -2.45 -0.57 -6.51
CA HIS B 69 -2.88 0.34 -5.44
C HIS B 69 -1.80 1.38 -5.10
N ASP B 70 -0.53 0.99 -5.17
CA ASP B 70 0.54 1.93 -4.90
C ASP B 70 0.57 3.07 -5.92
N LYS B 71 0.27 2.73 -7.18
CA LYS B 71 0.15 3.76 -8.20
C LYS B 71 -0.90 4.79 -7.77
N MSE B 72 -2.05 4.29 -7.32
CA MSE B 72 -3.09 5.17 -6.82
C MSE B 72 -2.62 5.99 -5.60
O MSE B 72 -2.87 7.20 -5.51
CB MSE B 72 -4.31 4.33 -6.41
CG MSE B 72 -5.46 5.16 -5.88
SE MSE B 72 -6.90 3.97 -5.30
CE MSE B 72 -5.95 3.24 -3.72
N HIS B 73 -1.98 5.33 -4.62
CA HIS B 73 -1.52 6.03 -3.43
C HIS B 73 -0.58 7.17 -3.77
N ARG B 74 0.34 6.92 -4.70
CA ARG B 74 1.33 7.93 -5.08
C ARG B 74 0.66 9.08 -5.80
N ALA B 75 -0.25 8.76 -6.72
CA ALA B 75 -0.97 9.78 -7.48
C ALA B 75 -1.77 10.66 -6.52
N LEU B 76 -2.40 10.05 -5.53
CA LEU B 76 -3.15 10.79 -4.54
C LEU B 76 -2.27 11.68 -3.66
N ALA B 77 -1.09 11.17 -3.31
CA ALA B 77 -0.20 11.87 -2.40
C ALA B 77 0.21 13.20 -3.01
N GLN B 78 0.31 13.22 -4.34
CA GLN B 78 0.72 14.42 -5.03
C GLN B 78 -0.25 15.57 -4.80
N MSE B 79 -1.48 15.24 -4.40
CA MSE B 79 -2.50 16.27 -4.14
C MSE B 79 -2.97 16.34 -2.70
O MSE B 79 -3.93 17.04 -2.38
CB MSE B 79 -3.70 16.05 -5.04
CG MSE B 79 -3.36 15.53 -6.41
SE MSE B 79 -5.01 14.98 -7.30
CE MSE B 79 -4.23 14.41 -9.00
N GLY B 80 -2.31 15.59 -1.81
CA GLY B 80 -2.68 15.57 -0.41
C GLY B 80 -3.86 14.66 -0.11
N GLY B 81 -4.19 13.78 -1.06
CA GLY B 81 -5.25 12.82 -0.86
C GLY B 81 -4.77 11.51 -0.26
N VAL B 82 -5.64 10.85 0.50
CA VAL B 82 -5.30 9.58 1.08
C VAL B 82 -6.49 8.62 1.07
N VAL B 83 -6.22 7.37 0.72
CA VAL B 83 -7.15 6.30 0.96
C VAL B 83 -6.72 5.59 2.24
N ASP B 84 -7.57 5.61 3.26
CA ASP B 84 -7.19 5.14 4.59
C ASP B 84 -7.05 3.63 4.68
N ALA B 85 -7.86 2.91 3.92
CA ALA B 85 -7.83 1.46 3.93
C ALA B 85 -8.49 0.94 2.67
N ILE B 86 -8.09 -0.26 2.28
CA ILE B 86 -8.66 -0.94 1.13
C ILE B 86 -9.19 -2.30 1.57
N PHE B 87 -10.50 -2.48 1.41
CA PHE B 87 -11.12 -3.77 1.66
C PHE B 87 -11.37 -4.39 0.30
N MSE B 88 -11.06 -5.68 0.17
CA MSE B 88 -11.14 -6.29 -1.16
C MSE B 88 -11.52 -7.76 -1.08
O MSE B 88 -11.15 -8.47 -0.12
CB MSE B 88 -9.83 -6.10 -1.92
CG MSE B 88 -8.77 -7.06 -1.53
SE MSE B 88 -8.62 -8.56 -2.78
CE MSE B 88 -6.91 -9.20 -2.08
N CYS B 89 -12.26 -8.20 -2.08
CA CYS B 89 -12.65 -9.60 -2.22
C CYS B 89 -11.85 -10.18 -3.35
N PRO B 90 -11.03 -11.19 -3.07
CA PRO B 90 -10.16 -11.81 -4.08
C PRO B 90 -10.83 -13.01 -4.74
N HIS B 91 -12.07 -13.28 -4.35
CA HIS B 91 -12.71 -14.53 -4.74
C HIS B 91 -13.38 -14.51 -6.12
N GLY B 92 -13.62 -15.69 -6.66
CA GLY B 92 -14.38 -15.81 -7.89
C GLY B 92 -15.85 -15.93 -7.62
N PRO B 93 -16.67 -15.77 -8.66
CA PRO B 93 -18.13 -15.79 -8.53
C PRO B 93 -18.68 -17.09 -7.95
N ASP B 94 -17.96 -18.20 -8.10
CA ASP B 94 -18.50 -19.48 -7.64
C ASP B 94 -17.89 -19.99 -6.34
N ASP B 95 -17.10 -19.15 -5.67
CA ASP B 95 -16.33 -19.59 -4.50
C ASP B 95 -17.14 -19.61 -3.21
N GLY B 96 -18.30 -18.96 -3.24
CA GLY B 96 -19.20 -18.98 -2.10
C GLY B 96 -18.70 -18.20 -0.90
N CYS B 97 -17.88 -17.19 -1.14
CA CYS B 97 -17.40 -16.31 -0.06
C CYS B 97 -18.52 -15.39 0.45
N ALA B 98 -18.23 -14.69 1.55
CA ALA B 98 -19.23 -13.79 2.13
C ALA B 98 -18.91 -12.34 1.81
N CYS B 99 -17.80 -12.11 1.11
CA CYS B 99 -17.34 -10.75 0.83
C CYS B 99 -17.55 -10.26 -0.61
N ARG B 100 -17.95 -11.13 -1.51
CA ARG B 100 -18.15 -10.69 -2.90
C ARG B 100 -19.47 -9.93 -3.04
N LYS B 101 -19.41 -8.66 -3.44
CA LYS B 101 -20.67 -7.92 -3.66
C LYS B 101 -21.49 -8.68 -4.70
N PRO B 102 -22.84 -8.69 -4.57
CA PRO B 102 -23.67 -7.82 -3.72
C PRO B 102 -23.83 -8.23 -2.26
N LEU B 103 -23.12 -9.27 -1.80
CA LEU B 103 -23.13 -9.58 -0.36
C LEU B 103 -22.51 -8.41 0.41
N PRO B 104 -22.98 -8.16 1.63
CA PRO B 104 -22.57 -6.98 2.41
C PRO B 104 -21.29 -7.17 3.22
N GLY B 105 -20.63 -8.31 3.09
CA GLY B 105 -19.48 -8.64 3.93
C GLY B 105 -18.43 -7.57 4.09
N MSE B 106 -17.95 -6.98 2.99
CA MSE B 106 -16.91 -5.97 3.11
C MSE B 106 -17.38 -4.71 3.83
O MSE B 106 -16.63 -4.10 4.59
CB MSE B 106 -16.33 -5.58 1.74
CG MSE B 106 -15.47 -6.65 1.15
SE MSE B 106 -14.60 -5.98 -0.47
CE MSE B 106 -16.08 -6.16 -1.73
N TYR B 107 -18.64 -4.35 3.60
CA TYR B 107 -19.19 -3.16 4.20
C TYR B 107 -19.34 -3.41 5.69
N ARG B 108 -19.75 -4.62 6.05
CA ARG B 108 -19.75 -5.01 7.45
C ARG B 108 -18.35 -5.00 8.07
N ASP B 109 -17.35 -5.42 7.30
CA ASP B 109 -15.98 -5.42 7.81
C ASP B 109 -15.51 -3.98 8.06
N ILE B 110 -15.91 -3.06 7.19
CA ILE B 110 -15.56 -1.65 7.36
C ILE B 110 -16.21 -1.10 8.62
N ALA B 111 -17.50 -1.39 8.81
CA ALA B 111 -18.22 -0.96 10.03
C ALA B 111 -17.50 -1.44 11.29
N ARG B 112 -17.05 -2.68 11.23
CA ARG B 112 -16.40 -3.35 12.37
C ARG B 112 -15.03 -2.72 12.64
N ARG B 113 -14.28 -2.43 11.58
CA ARG B 113 -12.94 -1.90 11.72
C ARG B 113 -12.95 -0.53 12.36
N TYR B 114 -13.89 0.32 11.93
CA TYR B 114 -13.95 1.67 12.45
C TYR B 114 -14.91 1.77 13.64
N ASP B 115 -15.62 0.69 13.91
CA ASP B 115 -16.61 0.62 14.98
C ASP B 115 -17.62 1.76 14.87
N VAL B 116 -18.27 1.84 13.70
CA VAL B 116 -19.25 2.89 13.43
C VAL B 116 -20.56 2.32 12.89
N ASP B 117 -21.60 3.13 13.06
CA ASP B 117 -22.91 2.88 12.51
C ASP B 117 -22.85 3.35 11.07
N LEU B 118 -23.24 2.49 10.14
CA LEU B 118 -23.15 2.86 8.72
C LEU B 118 -24.29 3.75 8.24
N ALA B 119 -25.28 4.01 9.09
CA ALA B 119 -26.39 4.83 8.64
C ALA B 119 -25.93 6.19 8.14
N GLY B 120 -26.35 6.54 6.93
CA GLY B 120 -26.01 7.82 6.35
C GLY B 120 -24.64 7.88 5.70
N VAL B 121 -23.83 6.85 5.88
CA VAL B 121 -22.49 6.81 5.29
C VAL B 121 -22.60 6.67 3.77
N PRO B 122 -22.05 7.62 3.01
CA PRO B 122 -22.14 7.50 1.56
C PRO B 122 -21.29 6.34 1.07
N ALA B 123 -21.87 5.48 0.25
CA ALA B 123 -21.11 4.43 -0.39
C ALA B 123 -21.31 4.59 -1.88
N VAL B 124 -20.23 4.90 -2.58
CA VAL B 124 -20.31 5.25 -4.00
C VAL B 124 -19.95 4.07 -4.88
N GLY B 125 -20.80 3.76 -5.85
CA GLY B 125 -20.57 2.61 -6.72
C GLY B 125 -20.98 2.93 -8.15
N ASP B 126 -20.53 2.12 -9.09
CA ASP B 126 -20.97 2.28 -10.48
C ASP B 126 -21.83 1.09 -10.93
N SER B 127 -21.90 0.04 -10.11
CA SER B 127 -22.68 -1.15 -10.49
C SER B 127 -23.79 -1.46 -9.49
N LEU B 128 -24.83 -2.15 -9.95
CA LEU B 128 -25.94 -2.45 -9.04
C LEU B 128 -25.47 -3.22 -7.81
N ARG B 129 -24.56 -4.17 -7.99
CA ARG B 129 -24.07 -4.93 -6.84
C ARG B 129 -23.41 -4.05 -5.75
N ASP B 130 -22.78 -2.95 -6.14
CA ASP B 130 -22.20 -2.00 -5.17
C ASP B 130 -23.30 -1.36 -4.33
N LEU B 131 -24.37 -0.94 -4.98
CA LEU B 131 -25.47 -0.28 -4.29
C LEU B 131 -26.16 -1.27 -3.35
N GLN B 132 -26.34 -2.50 -3.82
CA GLN B 132 -27.03 -3.49 -3.02
C GLN B 132 -26.21 -3.92 -1.80
N ALA B 133 -24.92 -4.17 -1.99
CA ALA B 133 -24.05 -4.52 -0.88
C ALA B 133 -24.07 -3.40 0.17
N ALA B 134 -23.94 -2.17 -0.28
CA ALA B 134 -23.87 -1.04 0.64
C ALA B 134 -25.20 -0.86 1.37
N ALA B 135 -26.30 -0.92 0.62
CA ALA B 135 -27.62 -0.72 1.21
C ALA B 135 -27.91 -1.80 2.26
N GLN B 136 -27.54 -3.04 1.95
CA GLN B 136 -27.80 -4.14 2.86
C GLN B 136 -27.04 -3.98 4.16
N ALA B 137 -25.84 -3.41 4.08
CA ALA B 137 -25.02 -3.16 5.26
C ALA B 137 -25.48 -1.92 6.03
N GLY B 138 -26.29 -1.08 5.38
CA GLY B 138 -26.89 0.08 6.04
C GLY B 138 -26.43 1.44 5.55
N CYS B 139 -25.58 1.47 4.53
CA CYS B 139 -25.08 2.73 3.97
C CYS B 139 -26.12 3.43 3.11
N ALA B 140 -25.82 4.69 2.76
CA ALA B 140 -26.60 5.46 1.82
C ALA B 140 -25.95 5.29 0.45
N PRO B 141 -26.61 4.60 -0.48
CA PRO B 141 -25.93 4.36 -1.76
C PRO B 141 -25.90 5.60 -2.65
N TRP B 142 -24.77 5.80 -3.32
CA TRP B 142 -24.63 6.83 -4.34
C TRP B 142 -24.13 6.14 -5.60
N LEU B 143 -24.79 6.43 -6.72
CA LEU B 143 -24.43 5.83 -8.01
C LEU B 143 -23.81 6.86 -8.93
N VAL B 144 -22.60 6.60 -9.42
CA VAL B 144 -22.00 7.49 -10.41
C VAL B 144 -22.35 6.99 -11.80
N GLN B 145 -22.19 7.84 -12.81
CA GLN B 145 -22.52 7.50 -14.18
C GLN B 145 -21.32 7.04 -15.02
N THR B 146 -20.13 7.13 -14.44
CA THR B 146 -18.92 6.54 -15.03
C THR B 146 -18.98 5.02 -14.92
N GLY B 147 -18.06 4.33 -15.56
CA GLY B 147 -18.03 2.87 -15.52
C GLY B 147 -19.35 2.26 -15.95
N ASN B 148 -19.91 1.38 -15.11
CA ASN B 148 -21.19 0.71 -15.40
C ASN B 148 -22.41 1.55 -15.02
N GLY B 149 -22.18 2.79 -14.62
CA GLY B 149 -23.21 3.55 -13.94
C GLY B 149 -24.38 3.90 -14.83
N ARG B 150 -24.09 4.23 -16.09
CA ARG B 150 -25.15 4.59 -17.01
C ARG B 150 -26.09 3.39 -17.23
N LYS B 151 -25.51 2.20 -17.40
CA LYS B 151 -26.29 0.97 -17.53
C LYS B 151 -27.11 0.71 -16.27
N THR B 152 -26.47 0.87 -15.12
CA THR B 152 -27.12 0.62 -13.86
C THR B 152 -28.34 1.53 -13.70
N LEU B 153 -28.15 2.80 -14.01
CA LEU B 153 -29.25 3.76 -13.89
C LEU B 153 -30.41 3.38 -14.81
N ALA B 154 -30.09 3.09 -16.07
CA ALA B 154 -31.11 2.77 -17.07
C ALA B 154 -31.95 1.55 -16.69
N GLN B 155 -31.32 0.59 -16.05
CA GLN B 155 -31.97 -0.67 -15.71
C GLN B 155 -32.80 -0.56 -14.44
N GLY B 156 -32.53 0.48 -13.64
CA GLY B 156 -33.34 0.74 -12.45
C GLY B 156 -33.29 -0.38 -11.43
N GLY B 157 -34.32 -0.48 -10.61
CA GLY B 157 -34.30 -1.43 -9.51
C GLY B 157 -33.25 -1.08 -8.49
N LEU B 158 -32.94 0.21 -8.36
CA LEU B 158 -31.92 0.66 -7.40
C LEU B 158 -32.48 0.64 -5.98
N PRO B 159 -31.60 0.50 -4.97
CA PRO B 159 -32.06 0.62 -3.58
C PRO B 159 -32.82 1.94 -3.37
N GLU B 160 -33.84 1.92 -2.53
CA GLU B 160 -34.68 3.10 -2.40
C GLU B 160 -33.85 4.30 -1.97
N GLY B 161 -34.04 5.43 -2.63
CA GLY B 161 -33.35 6.66 -2.27
C GLY B 161 -31.91 6.80 -2.72
N THR B 162 -31.45 5.88 -3.57
CA THR B 162 -30.11 5.97 -4.13
C THR B 162 -29.88 7.32 -4.80
N ARG B 163 -28.77 7.98 -4.46
CA ARG B 163 -28.39 9.22 -5.13
C ARG B 163 -27.70 8.96 -6.44
N VAL B 164 -27.92 9.83 -7.42
CA VAL B 164 -27.28 9.67 -8.73
C VAL B 164 -26.45 10.90 -9.09
N CYS B 165 -25.17 10.69 -9.39
CA CYS B 165 -24.25 11.76 -9.78
C CYS B 165 -23.47 11.39 -11.03
N GLU B 166 -22.91 12.38 -11.72
CA GLU B 166 -22.20 12.05 -12.95
C GLU B 166 -20.91 11.27 -12.66
N ASP B 167 -20.16 11.70 -11.64
CA ASP B 167 -18.90 11.05 -11.31
C ASP B 167 -18.53 11.32 -9.87
N LEU B 168 -17.39 10.80 -9.45
CA LEU B 168 -16.97 10.95 -8.06
C LEU B 168 -16.73 12.42 -7.72
N ALA B 169 -16.21 13.18 -8.68
CA ALA B 169 -16.00 14.61 -8.48
C ALA B 169 -17.32 15.30 -8.11
N ALA B 170 -18.41 14.91 -8.76
CA ALA B 170 -19.73 15.47 -8.47
C ALA B 170 -20.25 15.04 -7.09
N VAL B 171 -19.96 13.80 -6.72
CA VAL B 171 -20.31 13.33 -5.39
C VAL B 171 -19.61 14.15 -4.30
N ALA B 172 -18.30 14.35 -4.44
CA ALA B 172 -17.59 15.14 -3.44
C ALA B 172 -18.14 16.56 -3.37
N GLU B 173 -18.49 17.13 -4.52
CA GLU B 173 -19.03 18.49 -4.56
C GLU B 173 -20.35 18.54 -3.78
N GLN B 174 -21.22 17.55 -4.01
CA GLN B 174 -22.49 17.46 -3.31
C GLN B 174 -22.29 17.36 -1.79
N LEU B 175 -21.36 16.50 -1.37
CA LEU B 175 -21.12 16.31 0.06
C LEU B 175 -20.49 17.53 0.72
N LEU B 176 -19.68 18.26 -0.03
CA LEU B 176 -18.95 19.38 0.54
C LEU B 176 -19.76 20.67 0.50
N GLN B 177 -20.75 20.72 -0.38
CA GLN B 177 -21.65 21.87 -0.41
C GLN B 177 -22.82 21.66 0.54
N GLU B 178 -23.17 20.40 0.79
CA GLU B 178 -24.24 20.06 1.73
C GLU B 178 -23.71 19.97 3.17
N ALA B 179 -22.47 20.38 3.36
CA ALA B 179 -21.87 20.40 4.70
C ALA B 179 -22.32 21.64 5.47
N MSE C 1 39.15 -28.66 -6.14
CA MSE C 1 39.49 -28.59 -4.73
C MSE C 1 38.74 -27.44 -4.08
O MSE C 1 38.29 -26.52 -4.75
CB MSE C 1 40.99 -28.40 -4.54
CG MSE C 1 41.48 -26.99 -4.83
SE MSE C 1 43.20 -26.65 -3.95
CE MSE C 1 44.22 -28.10 -4.76
N LYS C 2 38.61 -27.52 -2.76
CA LYS C 2 38.00 -26.43 -1.98
C LYS C 2 39.08 -25.87 -1.06
N LEU C 3 39.57 -24.68 -1.39
CA LEU C 3 40.68 -24.09 -0.67
C LEU C 3 40.16 -23.10 0.37
N ILE C 4 40.76 -23.13 1.56
CA ILE C 4 40.52 -22.07 2.54
C ILE C 4 41.87 -21.63 3.12
N ILE C 5 42.07 -20.31 3.23
CA ILE C 5 43.34 -19.77 3.71
C ILE C 5 43.10 -19.13 5.06
N LEU C 6 43.92 -19.52 6.05
CA LEU C 6 43.76 -19.01 7.41
C LEU C 6 44.98 -18.22 7.86
N ASP C 7 44.73 -17.08 8.47
CA ASP C 7 45.77 -16.44 9.25
C ASP C 7 45.97 -17.36 10.46
N ARG C 8 47.12 -17.27 11.13
CA ARG C 8 47.39 -18.18 12.26
C ARG C 8 47.06 -17.53 13.61
N ASP C 9 47.90 -16.59 14.05
CA ASP C 9 47.67 -15.91 15.33
C ASP C 9 46.36 -15.14 15.33
N GLY C 10 45.52 -15.37 16.34
CA GLY C 10 44.26 -14.65 16.42
C GLY C 10 43.13 -15.38 15.72
N VAL C 11 43.47 -16.44 14.99
CA VAL C 11 42.46 -17.22 14.30
C VAL C 11 42.52 -18.68 14.71
N VAL C 12 43.70 -19.28 14.58
CA VAL C 12 43.89 -20.66 15.02
C VAL C 12 44.29 -20.71 16.48
N ASN C 13 45.27 -19.90 16.86
CA ASN C 13 45.77 -19.86 18.23
C ASN C 13 45.66 -18.45 18.82
N GLN C 14 45.82 -18.34 20.14
CA GLN C 14 45.75 -17.04 20.80
C GLN C 14 46.78 -16.06 20.27
N ASP C 15 46.30 -14.87 19.93
CA ASP C 15 47.17 -13.76 19.55
C ASP C 15 47.84 -13.22 20.81
N SER C 16 49.04 -12.69 20.66
CA SER C 16 49.73 -12.08 21.79
C SER C 16 50.48 -10.82 21.39
N ASP C 17 50.20 -9.71 22.07
CA ASP C 17 50.91 -8.46 21.88
C ASP C 17 52.41 -8.66 22.14
N ALA C 18 52.75 -9.72 22.88
CA ALA C 18 54.14 -10.03 23.20
C ALA C 18 54.78 -11.02 22.21
N PHE C 19 54.03 -11.40 21.19
CA PHE C 19 54.49 -12.38 20.20
C PHE C 19 54.40 -13.81 20.72
N VAL C 20 54.18 -14.76 19.81
CA VAL C 20 54.19 -16.17 20.15
C VAL C 20 55.56 -16.76 19.85
N LYS C 21 56.35 -16.97 20.91
CA LYS C 21 57.78 -17.21 20.74
C LYS C 21 58.24 -18.64 21.07
N SER C 22 57.33 -19.49 21.50
CA SER C 22 57.65 -20.89 21.83
C SER C 22 56.39 -21.75 21.78
N PRO C 23 56.57 -23.07 21.69
CA PRO C 23 55.39 -23.96 21.70
C PRO C 23 54.50 -23.72 22.91
N ASP C 24 55.10 -23.47 24.07
CA ASP C 24 54.31 -23.18 25.28
C ASP C 24 53.42 -21.96 25.11
N GLU C 25 53.87 -21.01 24.30
CA GLU C 25 53.13 -19.78 24.08
C GLU C 25 52.09 -19.95 22.97
N TRP C 26 52.16 -21.09 22.29
CA TRP C 26 51.16 -21.41 21.28
C TRP C 26 50.00 -22.15 21.92
N ILE C 27 48.86 -21.47 22.01
CA ILE C 27 47.68 -22.01 22.66
C ILE C 27 46.49 -21.92 21.69
N ALA C 28 45.91 -23.06 21.36
CA ALA C 28 44.77 -23.08 20.45
C ALA C 28 43.54 -22.34 21.01
N LEU C 29 42.89 -21.57 20.14
CA LEU C 29 41.62 -20.93 20.50
C LEU C 29 40.51 -21.97 20.59
N PRO C 30 39.57 -21.79 21.52
CA PRO C 30 38.44 -22.72 21.64
C PRO C 30 37.74 -22.92 20.28
N GLY C 31 37.57 -24.18 19.88
CA GLY C 31 36.82 -24.52 18.69
C GLY C 31 37.62 -24.49 17.39
N SER C 32 38.81 -23.90 17.42
CA SER C 32 39.55 -23.70 16.17
C SER C 32 40.14 -24.98 15.59
N LEU C 33 40.68 -25.85 16.44
CA LEU C 33 41.24 -27.10 15.91
C LEU C 33 40.11 -27.98 15.40
N GLN C 34 38.99 -28.00 16.11
CA GLN C 34 37.81 -28.74 15.69
C GLN C 34 37.26 -28.19 14.36
N ALA C 35 37.27 -26.87 14.19
CA ALA C 35 36.81 -26.27 12.95
C ALA C 35 37.66 -26.74 11.77
N ILE C 36 38.98 -26.75 11.93
CA ILE C 36 39.85 -27.24 10.88
C ILE C 36 39.60 -28.73 10.63
N ALA C 37 39.26 -29.47 11.69
CA ALA C 37 38.92 -30.90 11.53
C ALA C 37 37.67 -31.09 10.68
N ARG C 38 36.63 -30.29 10.95
CA ARG C 38 35.37 -30.38 10.19
C ARG C 38 35.63 -30.07 8.72
N LEU C 39 36.40 -29.02 8.47
CA LEU C 39 36.70 -28.62 7.10
C LEU C 39 37.50 -29.69 6.38
N THR C 40 38.50 -30.24 7.06
CA THR C 40 39.32 -31.30 6.49
C THR C 40 38.44 -32.49 6.08
N GLN C 41 37.53 -32.88 6.97
CA GLN C 41 36.65 -34.02 6.70
C GLN C 41 35.63 -33.76 5.58
N ALA C 42 35.37 -32.48 5.32
CA ALA C 42 34.48 -32.07 4.24
C ALA C 42 35.27 -31.83 2.96
N ASP C 43 36.53 -32.25 2.97
CA ASP C 43 37.39 -32.19 1.78
C ASP C 43 37.91 -30.79 1.44
N TRP C 44 38.07 -29.95 2.47
CA TRP C 44 38.71 -28.66 2.23
C TRP C 44 40.20 -28.82 2.44
N THR C 45 40.97 -28.16 1.57
CA THR C 45 42.41 -28.02 1.73
C THR C 45 42.67 -26.76 2.53
N VAL C 46 43.23 -26.93 3.73
CA VAL C 46 43.45 -25.81 4.64
C VAL C 46 44.90 -25.31 4.62
N VAL C 47 45.08 -24.04 4.29
CA VAL C 47 46.39 -23.45 4.12
C VAL C 47 46.55 -22.23 5.02
N LEU C 48 47.72 -22.11 5.66
CA LEU C 48 48.00 -20.95 6.49
C LEU C 48 48.79 -19.89 5.73
N ALA C 49 48.54 -18.64 6.09
CA ALA C 49 49.30 -17.52 5.58
C ALA C 49 49.50 -16.61 6.78
N THR C 50 50.74 -16.54 7.27
CA THR C 50 51.00 -15.89 8.55
C THR C 50 52.21 -14.95 8.51
N ASN C 51 52.05 -13.75 9.09
CA ASN C 51 53.18 -12.87 9.33
C ASN C 51 53.95 -13.38 10.52
N GLN C 52 55.26 -13.55 10.37
CA GLN C 52 56.08 -14.04 11.46
C GLN C 52 57.35 -13.20 11.58
N SER C 53 57.17 -11.93 11.87
CA SER C 53 58.29 -11.01 12.00
C SER C 53 59.12 -11.31 13.24
N GLY C 54 58.68 -12.29 14.01
CA GLY C 54 59.43 -12.73 15.18
C GLY C 54 60.81 -13.24 14.79
N LEU C 55 60.90 -13.81 13.59
CA LEU C 55 62.19 -14.22 13.05
C LEU C 55 63.12 -13.03 12.82
N ALA C 56 62.64 -12.05 12.06
CA ALA C 56 63.46 -10.90 11.68
C ALA C 56 63.84 -10.05 12.90
N ARG C 57 63.00 -10.10 13.93
CA ARG C 57 63.26 -9.35 15.16
C ARG C 57 64.21 -10.08 16.08
N GLY C 58 64.43 -11.37 15.81
CA GLY C 58 65.31 -12.18 16.63
C GLY C 58 64.71 -12.63 17.95
N LEU C 59 63.40 -12.86 17.96
CA LEU C 59 62.72 -13.34 19.18
C LEU C 59 62.80 -14.86 19.26
N PHE C 60 62.93 -15.49 18.11
CA PHE C 60 63.06 -16.95 18.02
C PHE C 60 63.62 -17.30 16.64
N ASP C 61 64.06 -18.54 16.48
CA ASP C 61 64.63 -18.97 15.21
C ASP C 61 63.72 -19.96 14.50
N THR C 62 64.11 -20.33 13.30
CA THR C 62 63.33 -21.25 12.48
C THR C 62 63.03 -22.55 13.21
N ALA C 63 64.02 -23.10 13.90
CA ALA C 63 63.83 -24.34 14.65
C ALA C 63 62.62 -24.23 15.59
N THR C 64 62.53 -23.13 16.31
CA THR C 64 61.45 -22.94 17.27
C THR C 64 60.11 -22.73 16.57
N LEU C 65 60.12 -22.00 15.46
CA LEU C 65 58.90 -21.81 14.69
C LEU C 65 58.40 -23.15 14.18
N ASN C 66 59.32 -23.99 13.70
CA ASN C 66 58.97 -25.35 13.29
C ASN C 66 58.40 -26.21 14.44
N ALA C 67 58.97 -26.04 15.63
CA ALA C 67 58.45 -26.74 16.82
C ALA C 67 57.03 -26.28 17.18
N ILE C 68 56.79 -24.97 17.06
CA ILE C 68 55.46 -24.42 17.26
C ILE C 68 54.46 -25.07 16.31
N HIS C 69 54.82 -25.13 15.03
CA HIS C 69 53.91 -25.69 14.04
C HIS C 69 53.76 -27.20 14.20
N ASP C 70 54.80 -27.86 14.71
CA ASP C 70 54.71 -29.27 15.06
C ASP C 70 53.67 -29.51 16.16
N LYS C 71 53.63 -28.61 17.15
CA LYS C 71 52.65 -28.72 18.23
C LYS C 71 51.25 -28.62 17.64
N MSE C 72 51.08 -27.66 16.74
CA MSE C 72 49.81 -27.49 16.05
C MSE C 72 49.43 -28.72 15.22
O MSE C 72 48.30 -29.20 15.29
CB MSE C 72 49.84 -26.25 15.16
CG MSE C 72 48.55 -25.97 14.41
SE MSE C 72 48.83 -24.54 13.12
CE MSE C 72 50.02 -25.45 11.87
N HIS C 73 50.36 -29.22 14.41
CA HIS C 73 50.09 -30.41 13.61
C HIS C 73 49.68 -31.60 14.49
N ARG C 74 50.38 -31.79 15.61
CA ARG C 74 50.06 -32.90 16.50
C ARG C 74 48.66 -32.76 17.11
N ALA C 75 48.34 -31.55 17.57
CA ALA C 75 47.01 -31.29 18.11
C ALA C 75 45.94 -31.50 17.04
N LEU C 76 46.22 -31.06 15.82
CA LEU C 76 45.29 -31.27 14.72
C LEU C 76 45.07 -32.76 14.44
N ALA C 77 46.15 -33.51 14.46
CA ALA C 77 46.10 -34.96 14.24
C ALA C 77 45.14 -35.63 15.23
N GLN C 78 45.18 -35.21 16.48
CA GLN C 78 44.28 -35.77 17.49
C GLN C 78 42.82 -35.71 17.02
N MSE C 79 42.53 -34.80 16.09
CA MSE C 79 41.16 -34.40 15.81
C MSE C 79 40.65 -34.72 14.41
O MSE C 79 39.47 -34.57 14.13
CB MSE C 79 41.00 -32.90 16.01
CG MSE C 79 41.59 -32.37 17.28
SE MSE C 79 40.38 -31.06 18.00
CE MSE C 79 39.08 -32.30 18.80
N GLY C 80 41.55 -35.14 13.53
CA GLY C 80 41.16 -35.41 12.17
C GLY C 80 41.30 -34.17 11.30
N GLY C 81 42.07 -33.21 11.80
CA GLY C 81 42.34 -32.02 11.01
C GLY C 81 43.70 -32.03 10.34
N VAL C 82 43.79 -31.41 9.18
CA VAL C 82 45.02 -31.30 8.43
C VAL C 82 45.25 -29.88 7.92
N VAL C 83 46.43 -29.33 8.19
CA VAL C 83 46.90 -28.12 7.50
C VAL C 83 47.88 -28.54 6.38
N ASP C 84 47.46 -28.28 5.15
CA ASP C 84 48.17 -28.78 3.96
C ASP C 84 49.50 -28.07 3.75
N ALA C 85 49.57 -26.81 4.13
CA ALA C 85 50.76 -26.02 3.87
C ALA C 85 50.73 -24.77 4.70
N ILE C 86 51.92 -24.22 4.92
CA ILE C 86 52.07 -23.00 5.67
C ILE C 86 52.90 -22.02 4.87
N PHE C 87 52.28 -20.92 4.48
CA PHE C 87 52.98 -19.82 3.87
C PHE C 87 53.27 -18.79 4.95
N MSE C 88 54.49 -18.25 4.92
CA MSE C 88 54.96 -17.49 6.06
C MSE C 88 55.88 -16.36 5.57
O MSE C 88 56.68 -16.56 4.65
CB MSE C 88 55.65 -18.43 7.04
CG MSE C 88 56.16 -17.80 8.33
SE MSE C 88 58.05 -17.36 8.14
CE MSE C 88 58.76 -19.18 8.02
N CYS C 89 55.73 -15.18 6.16
CA CYS C 89 56.62 -14.06 5.90
C CYS C 89 57.48 -13.81 7.13
N PRO C 90 58.80 -14.02 6.99
CA PRO C 90 59.73 -13.92 8.12
C PRO C 90 60.22 -12.49 8.33
N HIS C 91 59.74 -11.56 7.52
CA HIS C 91 60.36 -10.24 7.45
C HIS C 91 59.81 -9.23 8.45
N GLY C 92 60.65 -8.26 8.79
CA GLY C 92 60.24 -7.18 9.68
C GLY C 92 59.53 -6.08 8.93
N PRO C 93 58.90 -5.17 9.68
CA PRO C 93 58.09 -4.06 9.15
C PRO C 93 58.82 -3.18 8.13
N ASP C 94 60.13 -3.11 8.22
CA ASP C 94 60.88 -2.18 7.37
C ASP C 94 61.82 -2.89 6.39
N ASP C 95 61.57 -4.16 6.14
CA ASP C 95 62.44 -4.94 5.26
C ASP C 95 62.11 -4.77 3.77
N GLY C 96 60.97 -4.15 3.48
CA GLY C 96 60.58 -3.89 2.11
C GLY C 96 60.32 -5.15 1.30
N CYS C 97 59.86 -6.20 1.96
CA CYS C 97 59.52 -7.43 1.24
C CYS C 97 58.17 -7.28 0.54
N ALA C 98 57.79 -8.30 -0.23
CA ALA C 98 56.51 -8.28 -0.94
C ALA C 98 55.49 -9.23 -0.33
N CYS C 99 55.86 -9.90 0.76
CA CYS C 99 55.00 -10.92 1.34
C CYS C 99 54.39 -10.55 2.69
N ARG C 100 54.80 -9.41 3.25
CA ARG C 100 54.27 -9.00 4.54
C ARG C 100 52.89 -8.37 4.39
N LYS C 101 51.88 -8.99 5.01
CA LYS C 101 50.54 -8.41 4.98
C LYS C 101 50.63 -6.96 5.51
N PRO C 102 49.89 -6.03 4.91
CA PRO C 102 48.78 -6.25 3.97
C PRO C 102 49.14 -6.39 2.50
N LEU C 103 50.41 -6.52 2.15
CA LEU C 103 50.75 -6.87 0.78
C LEU C 103 50.27 -8.29 0.49
N PRO C 104 49.86 -8.57 -0.76
CA PRO C 104 49.20 -9.84 -1.12
C PRO C 104 50.15 -10.98 -1.51
N GLY C 105 51.45 -10.77 -1.44
CA GLY C 105 52.43 -11.73 -1.89
C GLY C 105 52.16 -13.18 -1.55
N MSE C 106 51.88 -13.46 -0.27
CA MSE C 106 51.67 -14.84 0.16
C MSE C 106 50.45 -15.47 -0.45
O MSE C 106 50.43 -16.67 -0.75
CB MSE C 106 51.59 -14.95 1.68
CG MSE C 106 52.91 -14.83 2.40
SE MSE C 106 52.63 -15.24 4.28
CE MSE C 106 51.78 -13.56 4.82
N TYR C 107 49.40 -14.67 -0.63
CA TYR C 107 48.16 -15.15 -1.19
C TYR C 107 48.36 -15.45 -2.68
N ARG C 108 49.20 -14.65 -3.33
CA ARG C 108 49.50 -14.92 -4.73
C ARG C 108 50.38 -16.16 -4.87
N ASP C 109 51.26 -16.37 -3.90
CA ASP C 109 52.09 -17.58 -3.87
C ASP C 109 51.23 -18.84 -3.75
N ILE C 110 50.22 -18.76 -2.89
CA ILE C 110 49.28 -19.83 -2.71
C ILE C 110 48.54 -20.13 -4.02
N ALA C 111 48.02 -19.09 -4.68
CA ALA C 111 47.38 -19.25 -5.98
C ALA C 111 48.28 -19.98 -6.97
N ARG C 112 49.57 -19.63 -6.97
CA ARG C 112 50.54 -20.19 -7.93
C ARG C 112 50.87 -21.64 -7.61
N ARG C 113 50.97 -21.98 -6.34
CA ARG C 113 51.28 -23.35 -5.98
C ARG C 113 50.15 -24.31 -6.36
N TYR C 114 48.92 -23.95 -6.00
CA TYR C 114 47.77 -24.82 -6.23
C TYR C 114 47.18 -24.63 -7.62
N ASP C 115 47.68 -23.64 -8.36
CA ASP C 115 47.21 -23.31 -9.72
C ASP C 115 45.72 -23.05 -9.76
N VAL C 116 45.25 -22.21 -8.83
CA VAL C 116 43.83 -21.88 -8.75
C VAL C 116 43.57 -20.39 -8.84
N ASP C 117 42.35 -20.06 -9.27
CA ASP C 117 41.82 -18.70 -9.23
C ASP C 117 41.34 -18.47 -7.80
N LEU C 118 41.67 -17.31 -7.22
CA LEU C 118 41.30 -17.07 -5.82
C LEU C 118 39.88 -16.55 -5.63
N ALA C 119 39.19 -16.26 -6.72
CA ALA C 119 37.82 -15.76 -6.63
C ALA C 119 36.95 -16.66 -5.74
N GLY C 120 36.34 -16.06 -4.72
CA GLY C 120 35.47 -16.79 -3.82
C GLY C 120 36.16 -17.68 -2.78
N VAL C 121 37.50 -17.74 -2.83
CA VAL C 121 38.22 -18.50 -1.81
C VAL C 121 38.17 -17.78 -0.47
N PRO C 122 37.64 -18.46 0.56
CA PRO C 122 37.57 -17.81 1.86
C PRO C 122 38.97 -17.62 2.43
N ALA C 123 39.25 -16.42 2.94
CA ALA C 123 40.51 -16.14 3.60
C ALA C 123 40.17 -15.51 4.95
N VAL C 124 40.45 -16.24 6.03
CA VAL C 124 40.00 -15.87 7.37
C VAL C 124 41.10 -15.12 8.10
N GLY C 125 40.78 -13.96 8.66
CA GLY C 125 41.79 -13.20 9.39
C GLY C 125 41.20 -12.55 10.61
N ASP C 126 42.06 -12.09 11.53
CA ASP C 126 41.59 -11.32 12.68
C ASP C 126 42.03 -9.85 12.65
N SER C 127 42.81 -9.46 11.64
CA SER C 127 43.34 -8.10 11.56
C SER C 127 43.02 -7.50 10.19
N LEU C 128 42.87 -6.17 10.13
CA LEU C 128 42.57 -5.51 8.87
C LEU C 128 43.58 -5.90 7.78
N ARG C 129 44.85 -6.00 8.15
CA ARG C 129 45.89 -6.32 7.16
C ARG C 129 45.66 -7.71 6.52
N ASP C 130 45.05 -8.62 7.27
CA ASP C 130 44.73 -9.94 6.71
C ASP C 130 43.67 -9.81 5.63
N LEU C 131 42.64 -9.02 5.91
CA LEU C 131 41.52 -8.85 4.99
C LEU C 131 42.01 -8.14 3.73
N GLN C 132 42.89 -7.15 3.89
CA GLN C 132 43.35 -6.34 2.76
C GLN C 132 44.24 -7.16 1.85
N ALA C 133 45.17 -7.89 2.44
CA ALA C 133 46.05 -8.76 1.66
C ALA C 133 45.22 -9.76 0.86
N ALA C 134 44.30 -10.42 1.56
CA ALA C 134 43.44 -11.40 0.90
C ALA C 134 42.63 -10.79 -0.23
N ALA C 135 42.05 -9.61 0.02
CA ALA C 135 41.16 -8.98 -0.94
C ALA C 135 41.94 -8.50 -2.15
N GLN C 136 43.17 -8.02 -1.92
CA GLN C 136 43.99 -7.53 -3.03
C GLN C 136 44.35 -8.68 -3.97
N ALA C 137 44.46 -9.89 -3.40
CA ALA C 137 44.81 -11.07 -4.17
C ALA C 137 43.58 -11.70 -4.85
N GLY C 138 42.40 -11.26 -4.45
CA GLY C 138 41.16 -11.74 -5.07
C GLY C 138 40.32 -12.69 -4.24
N CYS C 139 40.75 -12.95 -3.01
CA CYS C 139 40.00 -13.79 -2.08
C CYS C 139 38.76 -13.12 -1.53
N ALA C 140 37.89 -13.94 -0.93
CA ALA C 140 36.74 -13.47 -0.18
C ALA C 140 37.12 -13.37 1.30
N PRO C 141 37.24 -12.14 1.83
CA PRO C 141 37.72 -12.06 3.22
C PRO C 141 36.65 -12.40 4.26
N TRP C 142 37.07 -13.09 5.31
CA TRP C 142 36.21 -13.34 6.47
C TRP C 142 36.95 -12.86 7.70
N LEU C 143 36.29 -12.04 8.50
CA LEU C 143 36.90 -11.50 9.73
C LEU C 143 36.34 -12.24 10.92
N VAL C 144 37.22 -12.70 11.81
CA VAL C 144 36.74 -13.29 13.06
C VAL C 144 36.89 -12.29 14.20
N GLN C 145 36.07 -12.43 15.24
CA GLN C 145 36.12 -11.52 16.38
C GLN C 145 37.23 -11.84 17.39
N THR C 146 37.79 -13.03 17.31
CA THR C 146 38.91 -13.39 18.16
C THR C 146 40.15 -12.58 17.77
N GLY C 147 41.16 -12.60 18.62
CA GLY C 147 42.41 -11.92 18.32
C GLY C 147 42.15 -10.43 18.22
N ASN C 148 42.68 -9.82 17.16
CA ASN C 148 42.49 -8.40 16.90
C ASN C 148 41.12 -8.07 16.29
N GLY C 149 40.24 -9.07 16.19
CA GLY C 149 38.97 -8.90 15.47
C GLY C 149 38.07 -7.79 16.01
N ARG C 150 37.99 -7.65 17.33
CA ARG C 150 37.13 -6.60 17.88
C ARG C 150 37.71 -5.23 17.59
N LYS C 151 39.04 -5.11 17.65
CA LYS C 151 39.67 -3.86 17.26
C LYS C 151 39.44 -3.58 15.79
N THR C 152 39.53 -4.62 14.96
CA THR C 152 39.33 -4.44 13.52
C THR C 152 37.91 -3.94 13.22
N LEU C 153 36.93 -4.48 13.93
CA LEU C 153 35.56 -4.04 13.77
C LEU C 153 35.40 -2.55 14.07
N ALA C 154 36.04 -2.07 15.14
CA ALA C 154 35.90 -0.66 15.52
C ALA C 154 36.67 0.26 14.55
N GLN C 155 37.76 -0.26 13.99
CA GLN C 155 38.62 0.45 13.03
C GLN C 155 37.85 0.65 11.71
N GLY C 156 37.01 -0.32 11.38
CA GLY C 156 36.25 -0.32 10.13
C GLY C 156 37.08 -0.30 8.86
N GLY C 157 36.46 0.10 7.76
CA GLY C 157 37.18 0.18 6.49
C GLY C 157 37.57 -1.21 5.98
N LEU C 158 36.67 -2.15 6.21
CA LEU C 158 36.82 -3.52 5.75
C LEU C 158 36.69 -3.59 4.22
N PRO C 159 37.37 -4.54 3.58
CA PRO C 159 37.12 -4.71 2.14
C PRO C 159 35.65 -5.04 1.88
N GLU C 160 35.14 -4.62 0.73
CA GLU C 160 33.74 -4.81 0.41
C GLU C 160 33.34 -6.30 0.48
N GLY C 161 32.23 -6.58 1.15
CA GLY C 161 31.69 -7.92 1.18
C GLY C 161 32.27 -8.80 2.27
N THR C 162 33.19 -8.25 3.06
CA THR C 162 33.81 -9.02 4.14
C THR C 162 32.75 -9.63 5.05
N ARG C 163 32.90 -10.91 5.36
CA ARG C 163 32.01 -11.59 6.31
C ARG C 163 32.49 -11.36 7.72
N VAL C 164 31.57 -11.28 8.68
CA VAL C 164 31.97 -11.22 10.07
C VAL C 164 31.42 -12.40 10.88
N CYS C 165 32.31 -13.10 11.58
CA CYS C 165 31.96 -14.26 12.40
C CYS C 165 32.62 -14.18 13.77
N GLU C 166 32.06 -14.90 14.72
CA GLU C 166 32.60 -14.91 16.08
C GLU C 166 34.04 -15.45 16.14
N ASP C 167 34.25 -16.57 15.49
CA ASP C 167 35.53 -17.27 15.51
C ASP C 167 35.60 -18.26 14.37
N LEU C 168 36.72 -18.97 14.29
CA LEU C 168 36.94 -19.90 13.20
C LEU C 168 35.87 -20.99 13.20
N ALA C 169 35.46 -21.42 14.40
CA ALA C 169 34.39 -22.39 14.53
C ALA C 169 33.14 -21.91 13.83
N ALA C 170 32.79 -20.63 14.00
CA ALA C 170 31.59 -20.12 13.34
C ALA C 170 31.76 -20.02 11.84
N VAL C 171 32.97 -19.70 11.38
CA VAL C 171 33.25 -19.66 9.94
C VAL C 171 33.02 -21.05 9.33
N ALA C 172 33.56 -22.09 9.98
CA ALA C 172 33.40 -23.44 9.46
C ALA C 172 31.93 -23.83 9.42
N GLU C 173 31.20 -23.46 10.47
CA GLU C 173 29.75 -23.71 10.51
C GLU C 173 29.05 -23.06 9.31
N GLN C 174 29.35 -21.80 9.03
CA GLN C 174 28.74 -21.11 7.89
C GLN C 174 29.09 -21.77 6.56
N LEU C 175 30.35 -22.15 6.40
CA LEU C 175 30.80 -22.72 5.13
C LEU C 175 30.19 -24.08 4.88
N LEU C 176 29.85 -24.78 5.95
CA LEU C 176 29.38 -26.16 5.83
C LEU C 176 27.86 -26.23 5.83
N GLN C 177 27.22 -25.12 6.17
CA GLN C 177 25.77 -24.97 6.01
C GLN C 177 25.49 -24.60 4.57
N GLU C 178 26.15 -23.52 4.12
CA GLU C 178 25.93 -22.93 2.81
C GLU C 178 26.38 -23.85 1.66
N ALA C 179 27.10 -24.92 2.01
CA ALA C 179 27.60 -25.87 1.03
C ALA C 179 26.46 -26.41 0.17
N MSE D 1 -41.28 24.40 9.63
CA MSE D 1 -42.17 23.66 8.73
C MSE D 1 -41.39 22.57 8.01
O MSE D 1 -40.16 22.62 7.93
CB MSE D 1 -42.84 24.60 7.72
CG MSE D 1 -41.96 25.03 6.55
SE MSE D 1 -43.04 25.79 5.08
CE MSE D 1 -44.36 24.40 5.01
N LYS D 2 -42.12 21.60 7.47
CA LYS D 2 -41.49 20.57 6.64
C LYS D 2 -42.21 20.54 5.32
N LEU D 3 -41.59 21.14 4.30
CA LEU D 3 -42.20 21.26 2.98
C LEU D 3 -41.84 20.09 2.06
N ILE D 4 -42.82 19.56 1.34
CA ILE D 4 -42.56 18.63 0.23
C ILE D 4 -43.33 19.10 -0.99
N ILE D 5 -42.69 19.07 -2.15
CA ILE D 5 -43.33 19.51 -3.38
C ILE D 5 -43.48 18.32 -4.29
N LEU D 6 -44.71 18.13 -4.80
CA LEU D 6 -45.02 16.99 -5.67
C LEU D 6 -45.48 17.42 -7.05
N ASP D 7 -44.94 16.74 -8.07
CA ASP D 7 -45.55 16.81 -9.38
C ASP D 7 -46.86 16.04 -9.26
N ARG D 8 -47.80 16.25 -10.17
CA ARG D 8 -49.10 15.56 -10.09
C ARG D 8 -49.16 14.28 -10.95
N ASP D 9 -49.28 14.44 -12.26
CA ASP D 9 -49.37 13.30 -13.19
C ASP D 9 -48.12 12.45 -13.11
N GLY D 10 -48.28 11.15 -12.94
CA GLY D 10 -47.14 10.26 -12.88
C GLY D 10 -46.56 10.11 -11.48
N VAL D 11 -47.08 10.89 -10.54
CA VAL D 11 -46.58 10.81 -9.17
C VAL D 11 -47.73 10.56 -8.21
N VAL D 12 -48.75 11.40 -8.30
CA VAL D 12 -49.93 11.22 -7.48
C VAL D 12 -50.97 10.37 -8.22
N ASN D 13 -51.20 10.72 -9.48
CA ASN D 13 -52.16 10.03 -10.32
C ASN D 13 -51.54 9.46 -11.59
N GLN D 14 -52.24 8.54 -12.25
CA GLN D 14 -51.74 7.96 -13.48
C GLN D 14 -51.42 9.01 -14.52
N ASP D 15 -50.23 8.91 -15.10
CA ASP D 15 -49.85 9.75 -16.22
C ASP D 15 -50.58 9.23 -17.47
N SER D 16 -50.80 10.09 -18.45
CA SER D 16 -51.41 9.64 -19.71
C SER D 16 -50.87 10.40 -20.92
N ASP D 17 -50.46 9.66 -21.94
CA ASP D 17 -50.04 10.26 -23.20
C ASP D 17 -51.19 11.00 -23.85
N ALA D 18 -52.41 10.66 -23.44
CA ALA D 18 -53.61 11.29 -24.01
C ALA D 18 -54.14 12.45 -23.17
N PHE D 19 -53.40 12.81 -22.12
CA PHE D 19 -53.78 13.88 -21.20
C PHE D 19 -54.87 13.45 -20.23
N VAL D 20 -54.87 14.03 -19.04
CA VAL D 20 -55.90 13.80 -18.05
C VAL D 20 -56.93 14.92 -18.20
N LYS D 21 -58.05 14.60 -18.81
CA LYS D 21 -58.96 15.64 -19.30
C LYS D 21 -60.29 15.69 -18.56
N SER D 22 -60.49 14.79 -17.61
CA SER D 22 -61.71 14.81 -16.80
C SER D 22 -61.47 14.05 -15.49
N PRO D 23 -62.33 14.28 -14.49
CA PRO D 23 -62.20 13.57 -13.22
C PRO D 23 -62.15 12.06 -13.41
N ASP D 24 -62.85 11.56 -14.42
CA ASP D 24 -62.84 10.13 -14.70
C ASP D 24 -61.47 9.66 -15.19
N GLU D 25 -60.76 10.56 -15.84
CA GLU D 25 -59.43 10.24 -16.37
C GLU D 25 -58.35 10.39 -15.30
N TRP D 26 -58.75 10.94 -14.15
CA TRP D 26 -57.82 11.12 -13.03
C TRP D 26 -57.92 9.92 -12.11
N ILE D 27 -56.89 9.08 -12.14
CA ILE D 27 -56.88 7.86 -11.34
C ILE D 27 -55.65 7.81 -10.43
N ALA D 28 -55.89 7.68 -9.13
CA ALA D 28 -54.79 7.67 -8.17
C ALA D 28 -53.86 6.49 -8.39
N LEU D 29 -52.54 6.73 -8.29
CA LEU D 29 -51.59 5.64 -8.30
C LEU D 29 -51.65 4.88 -6.97
N PRO D 30 -51.43 3.56 -7.01
CA PRO D 30 -51.38 2.77 -5.77
C PRO D 30 -50.43 3.38 -4.76
N GLY D 31 -50.91 3.55 -3.54
CA GLY D 31 -50.06 4.04 -2.47
C GLY D 31 -49.87 5.55 -2.38
N SER D 32 -50.21 6.30 -3.42
CA SER D 32 -49.87 7.73 -3.45
C SER D 32 -50.68 8.59 -2.45
N LEU D 33 -51.98 8.34 -2.39
CA LEU D 33 -52.83 9.12 -1.48
C LEU D 33 -52.50 8.78 -0.04
N GLN D 34 -52.24 7.49 0.23
CA GLN D 34 -51.80 7.06 1.54
C GLN D 34 -50.47 7.73 1.92
N ALA D 35 -49.55 7.82 0.97
CA ALA D 35 -48.27 8.48 1.22
C ALA D 35 -48.50 9.91 1.69
N ILE D 36 -49.38 10.61 0.99
CA ILE D 36 -49.67 11.99 1.34
C ILE D 36 -50.32 12.09 2.73
N ALA D 37 -51.18 11.12 3.07
CA ALA D 37 -51.76 11.07 4.41
C ALA D 37 -50.70 10.82 5.47
N ARG D 38 -49.75 9.93 5.20
CA ARG D 38 -48.67 9.67 6.15
C ARG D 38 -47.89 10.95 6.40
N LEU D 39 -47.53 11.65 5.33
CA LEU D 39 -46.73 12.87 5.50
C LEU D 39 -47.52 13.96 6.24
N THR D 40 -48.78 14.14 5.85
CA THR D 40 -49.67 15.10 6.52
C THR D 40 -49.72 14.83 8.02
N GLN D 41 -49.87 13.55 8.39
CA GLN D 41 -49.99 13.18 9.80
C GLN D 41 -48.66 13.30 10.56
N ALA D 42 -47.56 13.38 9.81
CA ALA D 42 -46.25 13.62 10.41
C ALA D 42 -45.87 15.08 10.32
N ASP D 43 -46.86 15.92 10.04
CA ASP D 43 -46.73 17.38 10.05
C ASP D 43 -45.99 17.96 8.84
N TRP D 44 -46.07 17.26 7.71
CA TRP D 44 -45.55 17.79 6.47
C TRP D 44 -46.56 18.65 5.76
N THR D 45 -46.08 19.73 5.16
CA THR D 45 -46.89 20.57 4.31
C THR D 45 -46.70 20.09 2.88
N VAL D 46 -47.77 19.59 2.26
CA VAL D 46 -47.68 19.01 0.92
C VAL D 46 -48.23 19.97 -0.15
N VAL D 47 -47.38 20.31 -1.10
CA VAL D 47 -47.72 21.27 -2.15
C VAL D 47 -47.52 20.62 -3.52
N LEU D 48 -48.41 20.91 -4.47
CA LEU D 48 -48.27 20.42 -5.84
C LEU D 48 -47.70 21.50 -6.76
N ALA D 49 -46.90 21.07 -7.72
CA ALA D 49 -46.45 21.92 -8.82
C ALA D 49 -46.63 21.12 -10.08
N THR D 50 -47.54 21.56 -10.97
CA THR D 50 -47.95 20.71 -12.08
C THR D 50 -48.13 21.49 -13.37
N ASN D 51 -47.61 20.94 -14.47
CA ASN D 51 -47.83 21.48 -15.79
C ASN D 51 -49.22 21.05 -16.25
N GLN D 52 -50.05 22.01 -16.65
CA GLN D 52 -51.38 21.71 -17.13
C GLN D 52 -51.65 22.39 -18.47
N SER D 53 -50.92 21.97 -19.50
CA SER D 53 -51.04 22.57 -20.84
C SER D 53 -52.35 22.17 -21.54
N GLY D 54 -53.07 21.21 -20.97
CA GLY D 54 -54.37 20.85 -21.49
C GLY D 54 -55.29 22.04 -21.55
N LEU D 55 -55.06 23.03 -20.67
CA LEU D 55 -55.83 24.25 -20.66
C LEU D 55 -55.52 25.10 -21.90
N ALA D 56 -54.24 25.35 -22.12
CA ALA D 56 -53.81 26.10 -23.29
C ALA D 56 -54.18 25.39 -24.58
N ARG D 57 -54.19 24.06 -24.54
CA ARG D 57 -54.48 23.27 -25.74
C ARG D 57 -55.98 23.11 -25.95
N GLY D 58 -56.77 23.71 -25.06
CA GLY D 58 -58.21 23.66 -25.17
C GLY D 58 -58.78 22.25 -25.08
N LEU D 59 -58.12 21.41 -24.29
CA LEU D 59 -58.61 20.05 -24.03
C LEU D 59 -59.64 20.08 -22.92
N PHE D 60 -59.52 21.06 -22.03
CA PHE D 60 -60.46 21.22 -20.94
C PHE D 60 -60.40 22.64 -20.40
N ASP D 61 -61.34 22.97 -19.52
CA ASP D 61 -61.45 24.32 -18.98
C ASP D 61 -61.14 24.31 -17.50
N THR D 62 -61.02 25.52 -16.93
CA THR D 62 -60.66 25.69 -15.53
C THR D 62 -61.63 24.98 -14.59
N ALA D 63 -62.90 24.90 -15.00
CA ALA D 63 -63.92 24.23 -14.22
C ALA D 63 -63.67 22.73 -14.14
N THR D 64 -63.31 22.12 -15.27
CA THR D 64 -63.00 20.70 -15.29
C THR D 64 -61.74 20.44 -14.46
N LEU D 65 -60.74 21.31 -14.59
CA LEU D 65 -59.52 21.18 -13.80
C LEU D 65 -59.83 21.24 -12.31
N ASN D 66 -60.60 22.25 -11.91
CA ASN D 66 -61.04 22.33 -10.52
C ASN D 66 -61.80 21.07 -10.09
N ALA D 67 -62.65 20.56 -10.97
CA ALA D 67 -63.38 19.33 -10.68
C ALA D 67 -62.41 18.16 -10.47
N ILE D 68 -61.41 18.08 -11.33
CA ILE D 68 -60.38 17.04 -11.19
C ILE D 68 -59.67 17.13 -9.84
N HIS D 69 -59.30 18.34 -9.42
CA HIS D 69 -58.61 18.49 -8.15
C HIS D 69 -59.51 18.25 -6.95
N ASP D 70 -60.81 18.50 -7.11
CA ASP D 70 -61.76 18.21 -6.04
C ASP D 70 -61.90 16.71 -5.78
N LYS D 71 -61.87 15.92 -6.85
CA LYS D 71 -61.89 14.47 -6.72
C LYS D 71 -60.68 14.04 -5.91
N MSE D 72 -59.53 14.61 -6.24
CA MSE D 72 -58.31 14.36 -5.49
C MSE D 72 -58.46 14.77 -4.02
O MSE D 72 -58.19 13.97 -3.12
CB MSE D 72 -57.13 15.13 -6.11
CG MSE D 72 -55.79 14.74 -5.53
SE MSE D 72 -54.39 15.99 -6.05
CE MSE D 72 -55.01 17.56 -5.05
N HIS D 73 -58.88 16.00 -3.78
CA HIS D 73 -59.06 16.49 -2.41
C HIS D 73 -60.03 15.64 -1.60
N ARG D 74 -61.18 15.32 -2.19
CA ARG D 74 -62.16 14.50 -1.49
C ARG D 74 -61.55 13.14 -1.18
N ALA D 75 -60.77 12.62 -2.13
CA ALA D 75 -60.14 11.32 -1.94
C ALA D 75 -59.09 11.37 -0.85
N LEU D 76 -58.36 12.49 -0.78
CA LEU D 76 -57.36 12.69 0.25
C LEU D 76 -57.99 12.86 1.62
N ALA D 77 -59.11 13.57 1.69
CA ALA D 77 -59.80 13.78 2.96
C ALA D 77 -60.20 12.42 3.51
N GLN D 78 -60.56 11.52 2.62
CA GLN D 78 -60.96 10.16 2.97
C GLN D 78 -59.96 9.48 3.90
N MSE D 79 -58.72 9.98 3.93
CA MSE D 79 -57.64 9.29 4.65
C MSE D 79 -56.82 10.15 5.59
O MSE D 79 -55.85 9.69 6.17
CB MSE D 79 -56.70 8.63 3.66
CG MSE D 79 -57.08 7.23 3.27
SE MSE D 79 -55.88 6.68 1.85
CE MSE D 79 -56.06 8.31 0.81
N GLY D 80 -57.21 11.41 5.75
CA GLY D 80 -56.47 12.31 6.60
C GLY D 80 -55.26 12.88 5.88
N GLY D 81 -55.32 12.89 4.56
CA GLY D 81 -54.30 13.55 3.76
C GLY D 81 -54.74 14.94 3.36
N VAL D 82 -53.78 15.86 3.25
CA VAL D 82 -54.06 17.23 2.86
C VAL D 82 -53.02 17.75 1.87
N VAL D 83 -53.49 18.33 0.78
CA VAL D 83 -52.61 19.06 -0.14
C VAL D 83 -52.83 20.56 0.09
N ASP D 84 -51.86 21.21 0.72
CA ASP D 84 -52.03 22.59 1.20
C ASP D 84 -52.25 23.61 0.09
N ALA D 85 -51.65 23.36 -1.06
CA ALA D 85 -51.75 24.29 -2.18
C ALA D 85 -51.39 23.60 -3.50
N ILE D 86 -51.95 24.12 -4.58
CA ILE D 86 -51.63 23.65 -5.91
C ILE D 86 -51.09 24.79 -6.74
N PHE D 87 -49.81 24.68 -7.11
CA PHE D 87 -49.25 25.60 -8.07
C PHE D 87 -49.31 24.94 -9.45
N MSE D 88 -49.78 25.68 -10.44
CA MSE D 88 -49.97 25.11 -11.76
C MSE D 88 -49.69 26.09 -12.89
O MSE D 88 -49.94 27.29 -12.77
CB MSE D 88 -51.38 24.50 -11.90
CG MSE D 88 -52.48 25.48 -12.19
SE MSE D 88 -52.83 25.66 -14.11
CE MSE D 88 -54.37 26.87 -13.99
N CYS D 89 -49.17 25.55 -13.98
CA CYS D 89 -48.89 26.28 -15.19
C CYS D 89 -49.90 25.87 -16.27
N PRO D 90 -50.73 26.82 -16.72
CA PRO D 90 -51.78 26.54 -17.71
C PRO D 90 -51.32 26.75 -19.15
N HIS D 91 -50.04 27.07 -19.33
CA HIS D 91 -49.53 27.47 -20.65
C HIS D 91 -49.10 26.31 -21.55
N GLY D 92 -49.07 26.57 -22.86
CA GLY D 92 -48.64 25.57 -23.82
C GLY D 92 -47.15 25.66 -24.05
N PRO D 93 -46.59 24.71 -24.80
CA PRO D 93 -45.15 24.66 -25.03
C PRO D 93 -44.59 26.00 -25.51
N ASP D 94 -45.36 26.77 -26.26
CA ASP D 94 -44.83 27.96 -26.90
C ASP D 94 -45.41 29.29 -26.41
N ASP D 95 -46.03 29.28 -25.23
CA ASP D 95 -46.54 30.51 -24.67
C ASP D 95 -45.43 31.35 -24.04
N GLY D 96 -44.22 30.78 -24.00
CA GLY D 96 -43.08 31.47 -23.44
C GLY D 96 -43.24 31.97 -22.00
N CYS D 97 -44.02 31.26 -21.20
CA CYS D 97 -44.19 31.62 -19.80
C CYS D 97 -42.93 31.31 -19.02
N ALA D 98 -42.89 31.70 -17.75
CA ALA D 98 -41.76 31.40 -16.87
C ALA D 98 -42.08 30.27 -15.88
N CYS D 99 -43.27 29.68 -16.01
CA CYS D 99 -43.70 28.68 -15.04
C CYS D 99 -43.76 27.23 -15.54
N ARG D 100 -43.62 27.04 -16.85
CA ARG D 100 -43.70 25.68 -17.39
C ARG D 100 -42.39 24.91 -17.21
N LYS D 101 -42.42 23.85 -16.41
CA LYS D 101 -41.24 23.00 -16.25
C LYS D 101 -40.73 22.62 -17.64
N PRO D 102 -39.40 22.54 -17.81
CA PRO D 102 -38.34 22.56 -16.80
C PRO D 102 -37.94 23.92 -16.24
N LEU D 103 -38.65 25.00 -16.60
CA LEU D 103 -38.37 26.29 -15.97
C LEU D 103 -38.72 26.20 -14.48
N PRO D 104 -37.96 26.88 -13.62
CA PRO D 104 -38.14 26.74 -12.16
C PRO D 104 -39.19 27.68 -11.55
N GLY D 105 -39.90 28.42 -12.39
CA GLY D 105 -40.85 29.43 -11.93
C GLY D 105 -41.75 29.06 -10.77
N MSE D 106 -42.48 27.97 -10.89
CA MSE D 106 -43.40 27.55 -9.82
C MSE D 106 -42.70 27.25 -8.51
O MSE D 106 -43.27 27.47 -7.44
CB MSE D 106 -44.22 26.34 -10.26
CG MSE D 106 -45.15 26.63 -11.41
SE MSE D 106 -46.38 25.15 -11.68
CE MSE D 106 -45.20 23.93 -12.67
N TYR D 107 -41.50 26.70 -8.59
CA TYR D 107 -40.75 26.33 -7.39
C TYR D 107 -40.27 27.57 -6.65
N ARG D 108 -39.87 28.59 -7.41
CA ARG D 108 -39.49 29.86 -6.83
C ARG D 108 -40.72 30.55 -6.23
N ASP D 109 -41.86 30.43 -6.92
CA ASP D 109 -43.12 30.92 -6.38
C ASP D 109 -43.43 30.27 -5.04
N ILE D 110 -43.22 28.96 -4.96
CA ILE D 110 -43.48 28.22 -3.73
C ILE D 110 -42.56 28.70 -2.61
N ALA D 111 -41.29 28.91 -2.94
CA ALA D 111 -40.33 29.42 -1.96
C ALA D 111 -40.77 30.78 -1.40
N ARG D 112 -41.26 31.65 -2.29
CA ARG D 112 -41.73 32.97 -1.88
C ARG D 112 -42.99 32.86 -1.02
N ARG D 113 -43.92 32.00 -1.43
CA ARG D 113 -45.20 31.85 -0.73
C ARG D 113 -45.04 31.38 0.71
N TYR D 114 -44.10 30.47 0.93
CA TYR D 114 -43.90 29.91 2.26
C TYR D 114 -42.69 30.51 2.94
N ASP D 115 -42.02 31.45 2.25
CA ASP D 115 -40.85 32.12 2.79
C ASP D 115 -39.83 31.14 3.31
N VAL D 116 -39.47 30.16 2.47
CA VAL D 116 -38.46 29.18 2.85
C VAL D 116 -37.30 29.14 1.87
N ASP D 117 -36.16 28.66 2.35
CA ASP D 117 -35.03 28.33 1.50
C ASP D 117 -35.28 26.91 1.01
N LEU D 118 -35.15 26.67 -0.28
CA LEU D 118 -35.51 25.35 -0.82
C LEU D 118 -34.43 24.28 -0.63
N ALA D 119 -33.27 24.68 -0.12
CA ALA D 119 -32.20 23.71 0.15
C ALA D 119 -32.71 22.50 0.93
N GLY D 120 -32.55 21.31 0.35
CA GLY D 120 -32.94 20.08 1.03
C GLY D 120 -34.41 19.72 0.96
N VAL D 121 -35.25 20.64 0.47
CA VAL D 121 -36.67 20.40 0.34
C VAL D 121 -36.93 19.37 -0.75
N PRO D 122 -37.57 18.24 -0.40
CA PRO D 122 -37.80 17.23 -1.43
C PRO D 122 -38.80 17.69 -2.48
N ALA D 123 -38.46 17.47 -3.74
CA ALA D 123 -39.32 17.78 -4.86
C ALA D 123 -39.41 16.52 -5.70
N VAL D 124 -40.57 15.89 -5.70
CA VAL D 124 -40.77 14.58 -6.34
C VAL D 124 -41.39 14.70 -7.72
N GLY D 125 -40.78 14.05 -8.70
CA GLY D 125 -41.27 14.14 -10.07
C GLY D 125 -41.04 12.82 -10.79
N ASP D 126 -41.71 12.66 -11.93
CA ASP D 126 -41.52 11.44 -12.73
C ASP D 126 -40.86 11.70 -14.07
N SER D 127 -40.63 12.97 -14.38
CA SER D 127 -40.03 13.34 -15.66
C SER D 127 -38.79 14.19 -15.45
N LEU D 128 -37.86 14.13 -16.40
CA LEU D 128 -36.63 14.91 -16.26
C LEU D 128 -36.94 16.39 -16.01
N ARG D 129 -37.99 16.92 -16.66
CA ARG D 129 -38.33 18.34 -16.52
C ARG D 129 -38.72 18.72 -15.08
N ASP D 130 -39.31 17.78 -14.35
CA ASP D 130 -39.63 18.03 -12.94
C ASP D 130 -38.34 18.16 -12.13
N LEU D 131 -37.39 17.26 -12.38
CA LEU D 131 -36.14 17.25 -11.63
C LEU D 131 -35.34 18.52 -11.92
N GLN D 132 -35.34 18.92 -13.19
CA GLN D 132 -34.55 20.08 -13.61
C GLN D 132 -35.15 21.37 -13.06
N ALA D 133 -36.47 21.47 -13.07
CA ALA D 133 -37.13 22.65 -12.52
C ALA D 133 -36.81 22.77 -11.04
N ALA D 134 -36.96 21.65 -10.33
CA ALA D 134 -36.73 21.63 -8.90
C ALA D 134 -35.28 21.96 -8.57
N ALA D 135 -34.36 21.30 -9.26
CA ALA D 135 -32.95 21.50 -8.96
C ALA D 135 -32.50 22.94 -9.24
N GLN D 136 -33.00 23.52 -10.33
CA GLN D 136 -32.64 24.89 -10.67
C GLN D 136 -33.10 25.88 -9.60
N ALA D 137 -34.24 25.60 -8.98
CA ALA D 137 -34.79 26.45 -7.93
C ALA D 137 -34.05 26.26 -6.61
N GLY D 138 -33.35 25.12 -6.49
CA GLY D 138 -32.58 24.80 -5.30
C GLY D 138 -33.11 23.67 -4.42
N CYS D 139 -34.16 22.97 -4.88
CA CYS D 139 -34.69 21.81 -4.16
C CYS D 139 -33.79 20.58 -4.27
N ALA D 140 -34.10 19.56 -3.46
CA ALA D 140 -33.50 18.23 -3.60
C ALA D 140 -34.44 17.36 -4.43
N PRO D 141 -34.03 17.02 -5.67
CA PRO D 141 -34.94 16.28 -6.56
C PRO D 141 -35.02 14.79 -6.20
N TRP D 142 -36.22 14.24 -6.26
CA TRP D 142 -36.45 12.82 -6.07
C TRP D 142 -37.22 12.36 -7.29
N LEU D 143 -36.74 11.29 -7.92
CA LEU D 143 -37.37 10.77 -9.12
C LEU D 143 -38.07 9.50 -8.73
N VAL D 144 -39.33 9.33 -9.14
CA VAL D 144 -40.03 8.08 -8.93
C VAL D 144 -40.09 7.30 -10.25
N GLN D 145 -40.22 5.98 -10.13
CA GLN D 145 -40.26 5.11 -11.31
C GLN D 145 -41.65 5.02 -11.95
N THR D 146 -42.67 5.51 -11.26
CA THR D 146 -44.02 5.56 -11.83
C THR D 146 -44.07 6.59 -12.96
N GLY D 147 -45.15 6.57 -13.75
CA GLY D 147 -45.29 7.58 -14.80
C GLY D 147 -44.14 7.50 -15.79
N ASN D 148 -43.53 8.64 -16.10
CA ASN D 148 -42.42 8.70 -17.03
C ASN D 148 -41.08 8.30 -16.43
N GLY D 149 -41.08 7.79 -15.20
CA GLY D 149 -39.86 7.57 -14.44
C GLY D 149 -38.88 6.59 -15.05
N ARG D 150 -39.39 5.52 -15.63
CA ARG D 150 -38.51 4.53 -16.25
C ARG D 150 -37.83 5.11 -17.50
N LYS D 151 -38.58 5.88 -18.28
CA LYS D 151 -38.03 6.57 -19.44
C LYS D 151 -36.99 7.59 -18.99
N THR D 152 -37.28 8.28 -17.90
CA THR D 152 -36.32 9.25 -17.35
C THR D 152 -34.98 8.58 -16.95
N LEU D 153 -35.05 7.41 -16.31
CA LEU D 153 -33.85 6.67 -15.94
C LEU D 153 -33.03 6.31 -17.17
N ALA D 154 -33.70 5.86 -18.22
CA ALA D 154 -32.99 5.43 -19.43
C ALA D 154 -32.39 6.62 -20.18
N GLN D 155 -33.02 7.78 -20.08
CA GLN D 155 -32.52 8.95 -20.80
C GLN D 155 -31.32 9.58 -20.09
N GLY D 156 -31.24 9.35 -18.79
CA GLY D 156 -30.13 9.84 -17.99
C GLY D 156 -30.06 11.36 -17.91
N GLY D 157 -28.90 11.87 -17.52
CA GLY D 157 -28.71 13.30 -17.39
C GLY D 157 -29.52 13.89 -16.25
N LEU D 158 -29.61 13.16 -15.14
CA LEU D 158 -30.36 13.66 -13.99
C LEU D 158 -29.55 14.72 -13.26
N PRO D 159 -30.23 15.66 -12.57
CA PRO D 159 -29.50 16.64 -11.79
C PRO D 159 -28.63 15.94 -10.75
N GLU D 160 -27.48 16.54 -10.44
CA GLU D 160 -26.58 15.93 -9.46
C GLU D 160 -27.29 15.69 -8.13
N GLY D 161 -27.11 14.49 -7.59
CA GLY D 161 -27.65 14.16 -6.30
C GLY D 161 -29.09 13.73 -6.25
N THR D 162 -29.74 13.64 -7.42
CA THR D 162 -31.14 13.20 -7.49
C THR D 162 -31.28 11.86 -6.78
N ARG D 163 -32.33 11.70 -5.96
CA ARG D 163 -32.57 10.42 -5.30
C ARG D 163 -33.64 9.65 -6.08
N VAL D 164 -33.49 8.35 -6.19
CA VAL D 164 -34.43 7.53 -6.97
C VAL D 164 -35.23 6.53 -6.12
N CYS D 165 -36.55 6.54 -6.28
CA CYS D 165 -37.44 5.65 -5.54
C CYS D 165 -38.46 4.98 -6.46
N GLU D 166 -39.06 3.91 -5.97
CA GLU D 166 -40.06 3.19 -6.78
C GLU D 166 -41.27 4.06 -7.05
N ASP D 167 -41.80 4.68 -6.00
CA ASP D 167 -43.00 5.51 -6.14
C ASP D 167 -43.12 6.47 -4.97
N LEU D 168 -44.20 7.25 -4.95
CA LEU D 168 -44.39 8.24 -3.88
C LEU D 168 -44.44 7.59 -2.48
N ALA D 169 -45.10 6.45 -2.38
CA ALA D 169 -45.09 5.68 -1.14
C ALA D 169 -43.67 5.39 -0.64
N ALA D 170 -42.77 5.03 -1.55
CA ALA D 170 -41.40 4.75 -1.14
C ALA D 170 -40.66 6.02 -0.73
N VAL D 171 -40.94 7.13 -1.41
CA VAL D 171 -40.36 8.42 -1.03
C VAL D 171 -40.78 8.79 0.41
N ALA D 172 -42.08 8.66 0.68
CA ALA D 172 -42.58 8.96 2.03
C ALA D 172 -41.91 8.09 3.08
N GLU D 173 -41.77 6.80 2.78
CA GLU D 173 -41.13 5.89 3.70
C GLU D 173 -39.69 6.31 3.99
N GLN D 174 -38.95 6.67 2.94
CA GLN D 174 -37.56 7.11 3.11
C GLN D 174 -37.46 8.37 3.98
N LEU D 175 -38.27 9.36 3.64
CA LEU D 175 -38.27 10.62 4.39
C LEU D 175 -38.56 10.37 5.87
N LEU D 176 -39.55 9.53 6.14
CA LEU D 176 -39.99 9.28 7.51
C LEU D 176 -39.00 8.39 8.28
N GLN D 177 -38.37 7.45 7.58
CA GLN D 177 -37.34 6.62 8.22
C GLN D 177 -36.15 7.49 8.61
N GLU D 178 -35.83 8.44 7.74
CA GLU D 178 -34.66 9.31 7.95
C GLU D 178 -35.00 10.50 8.84
N ALA D 179 -36.25 10.54 9.31
CA ALA D 179 -36.71 11.59 10.23
C ALA D 179 -35.74 11.78 11.39
MG MG E . 17.90 2.22 8.88
ZN ZN F . 4.88 -2.58 13.83
P PO4 G . 14.48 2.47 8.96
O1 PO4 G . 15.92 2.76 9.32
O2 PO4 G . 14.13 1.03 9.27
O3 PO4 G . 13.57 3.36 9.80
O4 PO4 G . 14.15 2.75 7.48
C FMT H . 13.22 4.06 16.39
O1 FMT H . 14.10 3.49 17.06
O2 FMT H . 12.42 4.85 16.86
MG MG I . 29.97 4.89 -2.35
MG MG J . -16.98 -0.82 -10.09
ZN ZN K . -14.84 -12.72 -1.31
P PO4 L . -14.86 -3.03 -8.56
O1 PO4 L . -13.79 -2.10 -8.01
O2 PO4 L . -15.73 -3.48 -7.41
O3 PO4 L . -15.70 -2.39 -9.65
O4 PO4 L . -14.17 -4.25 -9.16
P PO4 M . -16.52 -10.13 -11.82
O1 PO4 M . -16.10 -8.73 -11.45
O2 PO4 M . -18.03 -10.23 -11.78
O3 PO4 M . -15.98 -10.49 -13.19
O4 PO4 M . -15.91 -11.10 -10.83
MG MG N . 46.39 -12.67 13.17
ZN ZN O . 57.94 -10.89 3.83
P PO4 P . 49.55 -13.60 12.14
O1 PO4 P . 50.91 -13.22 12.70
O2 PO4 P . 48.51 -12.90 12.98
O3 PO4 P . 49.49 -13.15 10.70
O4 PO4 P . 49.38 -15.11 12.23
C1 FX1 Q . 48.83 -6.80 16.11
O1 FX1 Q . 49.27 -5.60 15.46
C2 FX1 Q . 49.68 -7.98 16.55
O2 FX1 Q . 49.02 -9.22 16.28
C3 FX1 Q . 49.91 -7.87 18.04
O3 FX1 Q . 48.98 -8.70 18.76
C4 FX1 Q . 51.34 -8.28 18.19
O4 FX1 Q . 51.66 -9.15 18.98
C5 FX1 Q . 52.04 -8.21 16.87
O5 FX1 Q . 50.98 -8.05 15.91
C6 FX1 Q . 52.85 -9.47 16.60
O6 FX1 Q . 52.21 -10.68 17.09
MG MG R . -45.55 14.13 -14.21
ZN ZN S . -46.69 28.65 -17.42
P PO4 T . -47.53 17.01 -14.64
O1 PO4 T . -46.51 18.10 -14.36
O2 PO4 T . -48.40 16.79 -13.42
O3 PO4 T . -48.41 17.44 -15.81
O4 PO4 T . -46.85 15.72 -15.05
N SAR U . -49.17 14.74 -21.18
CA SAR U . -48.61 13.44 -21.49
C SAR U . -47.29 13.14 -20.78
O SAR U . -47.06 13.44 -19.60
CN SAR U . -50.00 14.91 -20.00
OXT SAR U . -46.39 12.57 -21.40
C FMT V . -53.62 1.57 -1.94
O1 FMT V . -53.37 1.99 -0.80
O2 FMT V . -53.53 2.28 -2.95
#